data_7VPL
#
_entry.id   7VPL
#
_cell.length_a   1.00
_cell.length_b   1.00
_cell.length_c   1.00
_cell.angle_alpha   90.00
_cell.angle_beta   90.00
_cell.angle_gamma   90.00
#
_symmetry.space_group_name_H-M   'P 1'
#
loop_
_entity.id
_entity.type
_entity.pdbx_description
1 polymer 'Polyamine-transporting ATPase 13A2'
2 branched 2-acetamido-2-deoxy-beta-D-glucopyranose-(1-4)-2-acetamido-2-deoxy-beta-D-glucopyranose
3 non-polymer 'MAGNESIUM ION'
4 non-polymer 'TETRAFLUOROALUMINATE ION'
5 non-polymer SPERMINE
#
_entity_poly.entity_id   1
_entity_poly.type   'polypeptide(L)'
_entity_poly.pdbx_seq_one_letter_code
;GPSRMSADSSPLVGSTPTGYGTLTIGTSIDPLSSSVSSVRLSGYCGSPWRVIGYHVVVWMMAGIPLLLFRWKPLWGVRLR
LRPCNLAHAETLVIEIRDKEDSSWQLFTVQVQTEAIGEGSLEPSPQSQAEDGRSQAAVGAVPEGAWKDTAQLHKSEEAVS
VGQKRVLRYYLFQGQRYIWIETQQAFYQVSLLDHGRSCDDVHRSRHGLSLQDQMVRKAIYGPNVISIPVKSYPQLLVDEA
LNPYYGFQAFSIALWLADHYYWYALCIFLISSISICLSLYKTRKQSQTLRDMVKLSMRVCVCRPGGEEEWVDSSELVPGD
CLVLPQEGGLMPCDAALVAGECMVNESSLTGESIPVLKTALPEGLGPYCAETHRRHTLFCGTLILQARAYVGPHVLAVVT
RTGFCTAKGGLVSSILHPRPINFKFYKHSMKFVAALSVLALLGTIYSIFILYRNRVPLNEIVIRALDLVTVVVPPALPAA
MTVCTLYAQSRLRRQGIFCIHPLRINLGGKLQLVCFDKTGTLTEDGLDVMGVVPLKGQAFLPLVPEPRRLPVGPLLRALA
TCHALSRLQDTPVGDPMDLKMVESTGWVLEEEPAADSAFGTQVLAVMRPPLWEPQLQAMEEPPVPVSVLHRFPFSSALQR
MSVVVAWPGATQPEAYVKGSPELVAGLCNPETVPTDFAQMLQSYTAAGYRVVALASKPLPTVPSLEAAQQLTRDTVEGDL
SLLGLLVMRNLLKPQTTPVIQALRRTRIRAVMVTGDNLQTAVTVARGCGMVAPQEHLIIVHATHPERGQPASLEFLPMES
PTAVNGVKDPDQAASYTVEPDPRSRHLALSGPTFGIIVKHFPKLLPKVLVQGTVFARMAPEQKTELVCELQKLQYCVGMC
GDGANDCGALKAADVGISLSQAEASVVSPFTSSMASIECVPMVIREGRCSLDTSFSVFKYMALYSLTQFISVLILYTINT
NLGDLQFLAIDLVITTTVAVLMSRTGPALVLGRVRPPGALLSVPVLSSLLLQMVLVTGVQLGGYFLTLAQPWFVPLNRTV
AAPDNLPNYENTVVFSLSSFQYLILAAAVSKGAPFRRPLYTNVPFLVALALLSSVLVGLVLVPGLLQGPLALRNITDTGF
KLLLLGLVTLNFVGAFMLESVLDQCLPACLRRLRPKRASKKRFKQLERELAEQPWPPLPAGPLR
;
_entity_poly.pdbx_strand_id   A
#
# COMPACT_ATOMS: atom_id res chain seq x y z
N SER A 38 -6.23 27.56 -12.67
CA SER A 38 -7.55 27.04 -13.18
C SER A 38 -8.57 26.75 -12.05
N VAL A 39 -8.24 26.96 -10.76
CA VAL A 39 -9.13 26.58 -9.60
C VAL A 39 -10.26 27.63 -9.51
N ARG A 40 -11.48 27.18 -9.21
CA ARG A 40 -12.72 28.01 -9.14
C ARG A 40 -13.03 28.29 -7.65
N LEU A 41 -12.59 29.45 -7.14
CA LEU A 41 -12.68 29.91 -5.73
C LEU A 41 -13.80 30.95 -5.61
N SER A 42 -14.76 30.76 -4.68
CA SER A 42 -16.02 31.55 -4.53
C SER A 42 -16.35 31.82 -3.05
N GLY A 43 -16.80 33.05 -2.73
CA GLY A 43 -17.21 33.51 -1.39
C GLY A 43 -18.66 33.21 -1.06
N TYR A 44 -19.02 33.26 0.23
CA TYR A 44 -20.29 32.70 0.80
C TYR A 44 -20.77 33.49 2.03
N CYS A 45 -22.06 33.86 2.03
CA CYS A 45 -22.83 34.43 3.19
C CYS A 45 -24.34 34.38 2.89
N GLY A 46 -25.16 34.37 3.94
CA GLY A 46 -26.63 34.30 3.85
C GLY A 46 -27.34 34.73 5.12
N SER A 47 -28.68 34.76 5.08
CA SER A 47 -29.56 35.07 6.25
C SER A 47 -29.43 33.93 7.27
N PRO A 48 -29.25 34.21 8.60
CA PRO A 48 -29.11 33.15 9.61
C PRO A 48 -30.34 32.22 9.67
N TRP A 49 -31.54 32.77 9.47
CA TRP A 49 -32.84 32.04 9.44
C TRP A 49 -32.86 31.10 8.22
N ARG A 50 -32.37 31.57 7.05
CA ARG A 50 -32.25 30.76 5.80
C ARG A 50 -31.30 29.58 6.01
N VAL A 51 -30.15 29.79 6.68
CA VAL A 51 -29.17 28.71 7.03
C VAL A 51 -29.84 27.73 8.00
N ILE A 52 -30.50 28.23 9.06
CA ILE A 52 -31.33 27.43 10.03
C ILE A 52 -32.43 26.67 9.25
N GLY A 53 -33.08 27.29 8.26
CA GLY A 53 -34.09 26.69 7.36
C GLY A 53 -33.60 25.44 6.67
N TYR A 54 -32.44 25.51 5.97
CA TYR A 54 -31.82 24.33 5.31
C TYR A 54 -31.23 23.37 6.38
N HIS A 55 -30.82 23.85 7.56
CA HIS A 55 -30.51 22.97 8.73
C HIS A 55 -31.78 22.23 9.21
N VAL A 56 -32.96 22.87 9.21
CA VAL A 56 -34.26 22.18 9.49
C VAL A 56 -34.50 21.09 8.41
N VAL A 57 -34.16 21.35 7.14
CA VAL A 57 -34.38 20.41 5.99
C VAL A 57 -33.45 19.18 6.10
N VAL A 58 -32.13 19.33 6.36
CA VAL A 58 -31.09 18.24 6.29
C VAL A 58 -30.44 17.97 7.67
N TRP A 59 -30.13 18.98 8.51
CA TRP A 59 -29.33 18.82 9.75
C TRP A 59 -30.16 18.05 10.81
N MET A 60 -31.46 18.36 10.94
CA MET A 60 -32.45 17.58 11.75
C MET A 60 -32.55 16.14 11.21
N MET A 61 -32.71 16.00 9.89
CA MET A 61 -32.66 14.70 9.14
C MET A 61 -31.31 13.98 9.34
N ALA A 62 -30.21 14.74 9.52
CA ALA A 62 -28.81 14.31 9.76
C ALA A 62 -28.14 13.80 8.46
N GLY A 63 -28.70 14.08 7.28
CA GLY A 63 -28.17 13.67 5.96
C GLY A 63 -28.63 12.29 5.47
N ILE A 64 -29.11 11.39 6.35
CA ILE A 64 -29.34 9.95 6.00
C ILE A 64 -30.52 9.86 5.03
N PRO A 65 -31.65 10.60 5.21
CA PRO A 65 -32.62 10.85 4.13
C PRO A 65 -32.09 11.57 2.87
N LEU A 66 -31.18 12.56 3.00
CA LEU A 66 -30.62 13.36 1.87
C LEU A 66 -30.02 12.40 0.83
N LEU A 67 -29.06 11.56 1.26
CA LEU A 67 -28.39 10.49 0.45
C LEU A 67 -29.41 9.42 0.00
N LEU A 68 -30.39 9.05 0.83
CA LEU A 68 -31.54 8.19 0.41
C LEU A 68 -32.27 8.83 -0.79
N PHE A 69 -32.33 10.18 -0.89
CA PHE A 69 -32.84 10.93 -2.08
C PHE A 69 -31.70 11.51 -2.96
N ARG A 70 -30.41 11.21 -2.75
CA ARG A 70 -29.23 11.76 -3.53
C ARG A 70 -28.49 10.58 -4.20
N TRP A 71 -28.53 10.52 -5.54
CA TRP A 71 -27.65 9.66 -6.39
C TRP A 71 -26.19 10.10 -6.14
N LYS A 72 -25.91 11.40 -6.32
CA LYS A 72 -24.61 12.06 -6.03
C LYS A 72 -24.83 13.51 -5.57
N PRO A 73 -23.96 14.09 -4.70
CA PRO A 73 -24.25 15.36 -4.03
C PRO A 73 -23.95 16.66 -4.79
N LEU A 74 -23.29 16.60 -5.96
CA LEU A 74 -22.65 17.75 -6.69
C LEU A 74 -23.69 18.86 -6.93
N TRP A 75 -24.87 18.49 -7.45
CA TRP A 75 -26.02 19.39 -7.75
C TRP A 75 -26.45 20.13 -6.48
N GLY A 76 -26.67 19.39 -5.38
CA GLY A 76 -26.95 19.91 -4.03
C GLY A 76 -25.83 20.79 -3.49
N VAL A 77 -24.59 20.28 -3.53
CA VAL A 77 -23.32 20.93 -3.00
C VAL A 77 -23.18 22.35 -3.58
N ARG A 78 -23.34 22.50 -4.92
CA ARG A 78 -23.12 23.75 -5.71
C ARG A 78 -23.66 24.99 -4.98
N LEU A 79 -24.96 24.98 -4.62
CA LEU A 79 -25.72 26.15 -4.08
C LEU A 79 -26.47 25.85 -2.76
N ARG A 80 -26.28 24.68 -2.10
CA ARG A 80 -26.67 24.46 -0.66
C ARG A 80 -26.14 25.65 0.18
N LEU A 81 -24.85 25.95 0.03
CA LEU A 81 -24.18 27.07 0.75
C LEU A 81 -24.59 28.39 0.07
N ARG A 82 -24.75 29.45 0.87
CA ARG A 82 -25.38 30.75 0.50
C ARG A 82 -24.24 31.67 0.03
N PRO A 83 -24.14 32.08 -1.27
CA PRO A 83 -22.95 32.75 -1.81
C PRO A 83 -22.80 34.26 -1.47
N CYS A 84 -21.58 34.80 -1.62
CA CYS A 84 -21.21 36.22 -1.28
C CYS A 84 -19.95 36.67 -2.03
N ASN A 85 -19.46 37.89 -1.76
CA ASN A 85 -18.17 38.41 -2.27
C ASN A 85 -17.04 37.51 -1.73
N LEU A 86 -16.09 37.16 -2.60
CA LEU A 86 -14.89 36.34 -2.24
C LEU A 86 -13.93 37.12 -1.32
N ALA A 87 -14.10 38.45 -1.18
CA ALA A 87 -13.43 39.34 -0.19
C ALA A 87 -13.52 38.78 1.24
N HIS A 88 -14.73 38.42 1.72
CA HIS A 88 -15.00 37.93 3.10
C HIS A 88 -15.86 36.67 3.05
N ALA A 89 -15.46 35.60 3.75
CA ALA A 89 -16.07 34.25 3.68
C ALA A 89 -15.89 33.44 4.98
N GLU A 90 -16.73 32.42 5.16
CA GLU A 90 -16.69 31.42 6.28
C GLU A 90 -15.96 30.17 5.76
N THR A 91 -16.47 29.56 4.68
CA THR A 91 -15.79 28.51 3.87
C THR A 91 -15.73 28.95 2.39
N LEU A 92 -14.84 28.33 1.62
CA LEU A 92 -14.52 28.65 0.20
C LEU A 92 -14.79 27.39 -0.64
N VAL A 93 -15.71 27.46 -1.61
CA VAL A 93 -15.90 26.38 -2.63
C VAL A 93 -14.75 26.53 -3.65
N ILE A 94 -13.72 25.68 -3.55
CA ILE A 94 -12.60 25.53 -4.54
C ILE A 94 -13.01 24.36 -5.43
N GLU A 95 -13.35 24.62 -6.71
CA GLU A 95 -13.61 23.60 -7.76
C GLU A 95 -12.43 23.57 -8.73
N ILE A 96 -11.51 22.62 -8.55
CA ILE A 96 -10.24 22.48 -9.33
C ILE A 96 -10.60 21.71 -10.61
N ARG A 97 -10.33 22.29 -11.78
CA ARG A 97 -10.58 21.72 -13.15
C ARG A 97 -9.24 21.28 -13.76
N ASP A 98 -9.15 20.03 -14.26
CA ASP A 98 -8.21 19.66 -15.36
C ASP A 98 -8.89 20.09 -16.67
N LYS A 99 -8.34 21.10 -17.36
CA LYS A 99 -8.85 21.66 -18.65
C LYS A 99 -8.95 20.56 -19.73
N GLU A 100 -7.94 19.69 -19.82
CA GLU A 100 -7.79 18.62 -20.87
C GLU A 100 -8.95 17.61 -20.77
N ASP A 101 -9.21 17.08 -19.56
CA ASP A 101 -10.21 16.01 -19.27
C ASP A 101 -11.50 16.56 -18.63
N SER A 102 -11.64 17.89 -18.42
CA SER A 102 -12.77 18.57 -17.73
C SER A 102 -12.99 17.98 -16.31
N SER A 103 -11.88 17.77 -15.57
CA SER A 103 -11.89 17.10 -14.23
C SER A 103 -12.19 18.14 -13.14
N TRP A 104 -13.47 18.53 -13.05
CA TRP A 104 -14.01 19.56 -12.10
C TRP A 104 -14.23 18.90 -10.72
N GLN A 105 -13.13 18.66 -9.98
CA GLN A 105 -13.16 18.10 -8.58
C GLN A 105 -13.66 19.20 -7.63
N LEU A 106 -14.52 18.84 -6.66
CA LEU A 106 -15.26 19.78 -5.76
C LEU A 106 -14.65 19.73 -4.34
N PHE A 107 -14.35 20.90 -3.74
CA PHE A 107 -13.88 21.06 -2.34
C PHE A 107 -14.51 22.32 -1.70
N THR A 108 -14.69 22.30 -0.37
CA THR A 108 -15.18 23.43 0.48
C THR A 108 -14.25 23.57 1.70
N VAL A 109 -13.66 24.76 1.93
CA VAL A 109 -12.51 24.99 2.86
C VAL A 109 -12.78 26.19 3.78
N GLN A 110 -12.56 26.03 5.10
CA GLN A 110 -12.78 27.03 6.18
C GLN A 110 -11.79 28.20 6.03
N VAL A 111 -12.22 29.42 6.40
CA VAL A 111 -11.42 30.69 6.42
C VAL A 111 -10.85 30.88 7.84
N GLN A 112 -9.51 30.94 7.97
CA GLN A 112 -8.79 31.24 9.24
C GLN A 112 -8.61 32.76 9.33
N THR A 113 -9.00 33.37 10.46
CA THR A 113 -8.88 34.82 10.78
C THR A 113 -8.03 34.98 12.06
N GLU A 114 -6.80 35.51 11.95
CA GLU A 114 -5.82 35.69 13.05
C GLU A 114 -5.19 37.09 12.97
N ALA A 115 -4.96 37.72 14.14
CA ALA A 115 -4.38 39.08 14.30
C ALA A 115 -2.87 38.97 14.60
N ILE A 116 -2.02 39.47 13.69
CA ILE A 116 -0.53 39.52 13.86
C ILE A 116 -0.18 40.55 14.95
N GLY A 117 -0.82 41.74 14.92
CA GLY A 117 -0.70 42.78 15.96
C GLY A 117 -1.88 43.74 15.95
N ARG A 165 -4.06 44.08 13.21
CA ARG A 165 -4.80 44.05 11.91
C ARG A 165 -4.88 42.60 11.41
N VAL A 166 -6.09 42.05 11.27
CA VAL A 166 -6.35 40.59 10.99
C VAL A 166 -5.93 40.29 9.55
N LEU A 167 -5.22 39.16 9.35
CA LEU A 167 -4.78 38.61 8.03
C LEU A 167 -5.55 37.31 7.75
N ARG A 168 -5.99 37.12 6.50
CA ARG A 168 -6.83 35.97 6.06
C ARG A 168 -5.93 34.84 5.55
N TYR A 169 -6.00 33.66 6.19
CA TYR A 169 -5.26 32.41 5.84
C TYR A 169 -6.28 31.32 5.49
N TYR A 170 -6.09 30.61 4.36
CA TYR A 170 -6.95 29.50 3.85
C TYR A 170 -6.11 28.22 3.77
N LEU A 171 -6.51 27.13 4.46
CA LEU A 171 -5.74 25.86 4.62
C LEU A 171 -6.21 24.84 3.56
N PHE A 172 -5.98 25.14 2.28
CA PHE A 172 -6.54 24.35 1.13
C PHE A 172 -5.72 23.04 1.00
N GLN A 173 -6.40 21.88 1.00
CA GLN A 173 -5.82 20.54 0.68
C GLN A 173 -4.56 20.28 1.52
N GLY A 174 -4.58 20.66 2.82
CA GLY A 174 -3.41 20.70 3.72
C GLY A 174 -2.67 22.03 3.71
N GLN A 175 -2.17 22.46 2.54
CA GLN A 175 -1.17 23.56 2.38
C GLN A 175 -1.85 24.93 2.54
N ARG A 176 -1.11 25.96 2.96
CA ARG A 176 -1.62 27.33 3.31
C ARG A 176 -1.60 28.25 2.06
N TYR A 177 -2.78 28.60 1.54
CA TYR A 177 -2.99 29.66 0.51
C TYR A 177 -3.38 30.94 1.27
N ILE A 178 -2.47 31.94 1.28
CA ILE A 178 -2.50 33.16 2.15
C ILE A 178 -3.08 34.33 1.32
N TRP A 179 -4.20 34.92 1.79
CA TRP A 179 -4.97 36.00 1.10
C TRP A 179 -4.57 37.36 1.69
N ILE A 180 -3.98 38.25 0.86
CA ILE A 180 -3.72 39.67 1.20
C ILE A 180 -5.00 40.47 0.82
N GLU A 181 -5.69 41.04 1.83
CA GLU A 181 -6.90 41.90 1.71
C GLU A 181 -6.63 43.14 0.85
N THR A 182 -5.46 43.78 0.99
CA THR A 182 -5.06 45.06 0.31
C THR A 182 -5.07 44.91 -1.22
N GLN A 183 -4.57 43.79 -1.75
CA GLN A 183 -4.48 43.46 -3.21
C GLN A 183 -5.60 42.48 -3.65
N GLN A 184 -6.44 41.96 -2.73
CA GLN A 184 -7.56 41.00 -3.00
C GLN A 184 -7.00 39.75 -3.72
N ALA A 185 -5.86 39.23 -3.24
CA ALA A 185 -5.00 38.25 -3.96
C ALA A 185 -4.68 37.04 -3.07
N PHE A 186 -4.91 35.83 -3.59
CA PHE A 186 -4.50 34.53 -3.00
C PHE A 186 -3.02 34.32 -3.36
N TYR A 187 -2.17 33.95 -2.39
CA TYR A 187 -0.73 33.60 -2.59
C TYR A 187 -0.39 32.37 -1.75
N GLN A 188 -0.02 31.25 -2.40
CA GLN A 188 0.24 29.96 -1.70
C GLN A 188 1.50 30.09 -0.85
N VAL A 189 1.53 29.48 0.33
CA VAL A 189 2.77 29.32 1.15
C VAL A 189 3.83 28.64 0.26
N SER A 190 5.08 29.08 0.38
CA SER A 190 6.26 28.79 -0.50
C SER A 190 6.29 29.64 -1.80
N LEU A 191 5.37 30.60 -2.02
CA LEU A 191 5.52 31.65 -3.09
C LEU A 191 6.58 32.70 -2.68
N LEU A 192 7.01 32.75 -1.40
CA LEU A 192 8.26 33.44 -0.94
C LEU A 192 9.41 33.18 -1.92
N ASP A 193 9.65 31.90 -2.23
CA ASP A 193 10.65 31.47 -3.25
C ASP A 193 10.41 32.29 -4.52
N HIS A 194 11.41 33.05 -4.92
CA HIS A 194 11.48 33.80 -6.20
C HIS A 194 12.76 33.41 -6.97
N GLY A 195 13.33 32.23 -6.67
CA GLY A 195 14.76 31.91 -6.88
C GLY A 195 15.65 32.77 -5.99
N ARG A 196 15.33 32.91 -4.69
CA ARG A 196 16.10 33.75 -3.71
C ARG A 196 17.58 33.39 -3.83
N SER A 197 18.44 34.36 -4.19
CA SER A 197 19.87 34.12 -4.52
C SER A 197 20.56 33.36 -3.38
N CYS A 198 21.48 32.45 -3.73
CA CYS A 198 22.43 31.82 -2.78
C CYS A 198 23.00 32.92 -1.86
N ASP A 199 23.39 34.07 -2.43
CA ASP A 199 23.80 35.28 -1.65
C ASP A 199 22.65 35.79 -0.75
N ASP A 200 21.39 35.83 -1.22
CA ASP A 200 20.20 36.26 -0.41
C ASP A 200 20.06 35.41 0.87
N VAL A 201 20.16 34.07 0.77
CA VAL A 201 20.12 33.15 1.96
C VAL A 201 21.36 33.46 2.83
N HIS A 202 22.54 33.67 2.23
CA HIS A 202 23.80 34.10 2.92
C HIS A 202 23.59 35.44 3.64
N ARG A 203 22.97 36.46 3.00
CA ARG A 203 22.67 37.80 3.58
C ARG A 203 21.89 37.62 4.89
N SER A 204 20.86 36.76 4.89
CA SER A 204 20.10 36.34 6.11
C SER A 204 20.83 35.21 6.85
N ARG A 205 22.12 35.38 7.16
CA ARG A 205 22.95 34.38 7.92
C ARG A 205 22.45 34.24 9.37
N HIS A 206 21.94 35.32 9.99
CA HIS A 206 21.48 35.39 11.41
C HIS A 206 20.00 35.80 11.46
N GLY A 207 19.20 35.12 12.30
CA GLY A 207 17.74 35.33 12.45
C GLY A 207 17.42 36.71 13.00
N LEU A 208 16.36 37.34 12.47
CA LEU A 208 15.95 38.76 12.77
C LEU A 208 15.10 38.77 14.06
N SER A 209 14.79 39.97 14.58
CA SER A 209 14.13 40.25 15.90
C SER A 209 12.77 39.57 16.07
N LEU A 210 12.33 39.49 17.34
CA LEU A 210 11.05 38.87 17.84
C LEU A 210 9.82 39.41 17.07
N GLN A 211 9.86 40.64 16.55
CA GLN A 211 8.84 41.20 15.62
C GLN A 211 8.81 40.40 14.30
N ASP A 212 9.96 40.08 13.71
CA ASP A 212 10.08 39.25 12.47
C ASP A 212 9.61 37.82 12.77
N GLN A 213 10.11 37.22 13.87
CA GLN A 213 9.69 35.87 14.37
C GLN A 213 8.15 35.83 14.56
N MET A 214 7.58 36.86 15.22
CA MET A 214 6.12 37.04 15.49
C MET A 214 5.32 36.96 14.17
N VAL A 215 5.69 37.77 13.16
CA VAL A 215 4.93 37.83 11.87
C VAL A 215 5.16 36.52 11.09
N ARG A 216 6.40 36.01 10.98
CA ARG A 216 6.76 34.75 10.26
C ARG A 216 5.97 33.57 10.84
N LYS A 217 5.94 33.43 12.17
CA LYS A 217 5.10 32.44 12.93
C LYS A 217 3.64 32.53 12.48
N ALA A 218 3.08 33.74 12.33
CA ALA A 218 1.70 33.96 11.83
C ALA A 218 1.60 33.54 10.35
N ILE A 219 2.57 33.92 9.51
CA ILE A 219 2.53 33.69 8.02
C ILE A 219 2.58 32.17 7.73
N TYR A 220 3.49 31.42 8.37
CA TYR A 220 3.81 30.00 8.07
C TYR A 220 3.25 29.02 9.13
N GLY A 221 2.66 29.48 10.25
CA GLY A 221 2.17 28.60 11.33
C GLY A 221 3.29 27.98 12.14
N PRO A 222 3.00 27.01 13.06
CA PRO A 222 4.04 26.30 13.82
C PRO A 222 4.77 25.24 12.98
N ASN A 223 6.01 24.90 13.38
CA ASN A 223 6.87 23.88 12.71
C ASN A 223 6.41 22.48 13.16
N VAL A 224 5.28 22.03 12.61
CA VAL A 224 4.64 20.70 12.91
C VAL A 224 3.75 20.28 11.74
N ILE A 225 3.55 18.97 11.58
CA ILE A 225 2.64 18.37 10.56
C ILE A 225 1.40 17.92 11.36
N SER A 226 0.32 18.69 11.31
CA SER A 226 -0.91 18.52 12.14
C SER A 226 -1.83 17.48 11.48
N ILE A 227 -1.73 16.22 11.91
CA ILE A 227 -2.64 15.10 11.50
C ILE A 227 -3.92 15.24 12.33
N PRO A 228 -5.11 15.50 11.71
CA PRO A 228 -6.35 15.65 12.48
C PRO A 228 -6.86 14.30 13.00
N VAL A 229 -7.21 14.23 14.29
CA VAL A 229 -7.93 13.08 14.93
C VAL A 229 -9.41 13.49 15.05
N LYS A 230 -10.28 12.83 14.26
CA LYS A 230 -11.72 13.21 14.09
C LYS A 230 -12.54 12.47 15.17
N SER A 231 -13.69 13.05 15.54
CA SER A 231 -14.59 12.58 16.64
C SER A 231 -15.45 11.41 16.15
N TYR A 232 -15.87 10.54 17.08
CA TYR A 232 -16.70 9.33 16.82
C TYR A 232 -17.99 9.71 16.10
N PRO A 233 -18.73 10.79 16.47
CA PRO A 233 -19.83 11.32 15.65
C PRO A 233 -19.46 11.69 14.20
N GLN A 234 -18.31 12.35 13.99
CA GLN A 234 -17.81 12.75 12.65
C GLN A 234 -17.44 11.50 11.84
N LEU A 235 -16.71 10.55 12.43
CA LEU A 235 -16.40 9.22 11.82
C LEU A 235 -17.70 8.47 11.50
N LEU A 236 -18.65 8.42 12.45
CA LEU A 236 -19.98 7.77 12.30
C LEU A 236 -20.76 8.36 11.12
N VAL A 237 -20.72 9.69 10.90
CA VAL A 237 -21.39 10.38 9.74
C VAL A 237 -20.90 9.74 8.42
N ASP A 238 -19.59 9.59 8.23
CA ASP A 238 -18.97 9.14 6.95
C ASP A 238 -19.28 7.65 6.71
N GLU A 239 -19.09 6.79 7.73
CA GLU A 239 -19.42 5.33 7.72
C GLU A 239 -20.92 5.13 7.44
N ALA A 240 -21.78 5.71 8.30
CA ALA A 240 -23.25 5.54 8.27
C ALA A 240 -23.90 6.30 7.09
N LEU A 241 -23.19 7.20 6.39
CA LEU A 241 -23.62 7.75 5.06
C LEU A 241 -23.73 6.64 4.01
N ASN A 242 -23.00 5.51 4.12
CA ASN A 242 -23.06 4.35 3.19
C ASN A 242 -24.53 3.95 2.98
N PRO A 243 -25.03 3.88 1.71
CA PRO A 243 -26.46 3.69 1.45
C PRO A 243 -27.03 2.37 1.96
N TYR A 244 -26.24 1.28 1.93
CA TYR A 244 -26.65 -0.07 2.39
C TYR A 244 -27.12 0.00 3.85
N TYR A 245 -26.42 0.73 4.73
CA TYR A 245 -26.84 0.94 6.15
C TYR A 245 -28.21 1.64 6.21
N GLY A 246 -28.47 2.61 5.32
CA GLY A 246 -29.79 3.24 5.11
C GLY A 246 -30.87 2.21 4.78
N PHE A 247 -30.60 1.34 3.79
CA PHE A 247 -31.50 0.24 3.34
C PHE A 247 -31.72 -0.76 4.48
N GLN A 248 -30.64 -1.20 5.14
CA GLN A 248 -30.65 -2.10 6.34
C GLN A 248 -31.53 -1.49 7.44
N ALA A 249 -31.39 -0.18 7.72
CA ALA A 249 -32.19 0.57 8.72
C ALA A 249 -33.68 0.54 8.32
N PHE A 250 -34.00 0.88 7.07
CA PHE A 250 -35.39 0.80 6.50
C PHE A 250 -35.94 -0.62 6.70
N SER A 251 -35.19 -1.62 6.23
CA SER A 251 -35.47 -3.08 6.35
C SER A 251 -35.78 -3.46 7.81
N ILE A 252 -34.89 -3.10 8.75
CA ILE A 252 -35.00 -3.45 10.20
C ILE A 252 -36.26 -2.78 10.77
N ALA A 253 -36.58 -1.54 10.34
CA ALA A 253 -37.84 -0.82 10.70
C ALA A 253 -39.04 -1.65 10.26
N LEU A 254 -39.13 -2.01 8.97
CA LEU A 254 -40.26 -2.79 8.37
C LEU A 254 -40.39 -4.16 9.07
N TRP A 255 -39.27 -4.85 9.34
CA TRP A 255 -39.23 -6.16 10.06
C TRP A 255 -39.83 -6.05 11.47
N LEU A 256 -39.46 -5.01 12.24
CA LEU A 256 -40.10 -4.73 13.56
C LEU A 256 -41.60 -4.42 13.38
N ALA A 257 -42.00 -3.72 12.30
CA ALA A 257 -43.41 -3.39 11.98
C ALA A 257 -44.22 -4.66 11.64
N ASP A 258 -43.69 -5.55 10.78
CA ASP A 258 -44.37 -6.80 10.31
C ASP A 258 -44.19 -7.97 11.30
N HIS A 259 -43.55 -7.79 12.47
CA HIS A 259 -43.41 -8.76 13.59
C HIS A 259 -42.37 -9.87 13.27
N TYR A 260 -41.37 -9.58 12.41
CA TYR A 260 -40.27 -10.51 12.05
C TYR A 260 -39.07 -10.17 12.95
N TYR A 261 -39.25 -10.35 14.25
CA TYR A 261 -38.41 -9.80 15.35
C TYR A 261 -37.03 -10.49 15.41
N TRP A 262 -36.98 -11.83 15.28
CA TRP A 262 -35.77 -12.67 15.48
C TRP A 262 -34.67 -12.30 14.47
N TYR A 263 -34.98 -12.34 13.18
CA TYR A 263 -34.02 -12.01 12.08
C TYR A 263 -33.64 -10.53 12.14
N ALA A 264 -34.61 -9.62 12.34
CA ALA A 264 -34.41 -8.15 12.52
C ALA A 264 -33.26 -7.90 13.50
N LEU A 265 -33.33 -8.52 14.69
CA LEU A 265 -32.27 -8.44 15.76
C LEU A 265 -30.90 -8.87 15.20
N CYS A 266 -30.84 -10.01 14.48
CA CYS A 266 -29.58 -10.59 13.93
C CYS A 266 -28.90 -9.60 12.98
N ILE A 267 -29.64 -9.04 12.01
CA ILE A 267 -29.14 -8.05 11.01
C ILE A 267 -28.70 -6.76 11.74
N PHE A 268 -29.48 -6.28 12.72
CA PHE A 268 -29.15 -5.07 13.55
C PHE A 268 -27.83 -5.29 14.31
N LEU A 269 -27.71 -6.40 15.05
CA LEU A 269 -26.54 -6.75 15.89
C LEU A 269 -25.28 -6.90 15.02
N ILE A 270 -25.37 -7.63 13.90
CA ILE A 270 -24.27 -7.81 12.90
C ILE A 270 -23.79 -6.43 12.41
N SER A 271 -24.72 -5.57 11.98
CA SER A 271 -24.49 -4.15 11.59
C SER A 271 -23.77 -3.37 12.70
N SER A 272 -24.26 -3.47 13.96
CA SER A 272 -23.75 -2.72 15.14
C SER A 272 -22.25 -2.99 15.35
N ILE A 273 -21.86 -4.28 15.41
CA ILE A 273 -20.43 -4.72 15.60
C ILE A 273 -19.61 -4.26 14.37
N SER A 274 -20.13 -4.37 13.14
CA SER A 274 -19.43 -4.01 11.88
C SER A 274 -19.08 -2.51 11.86
N ILE A 275 -20.06 -1.64 12.17
CA ILE A 275 -19.89 -0.15 12.25
C ILE A 275 -18.87 0.17 13.37
N CYS A 276 -19.07 -0.37 14.58
CA CYS A 276 -18.19 -0.18 15.78
C CYS A 276 -16.72 -0.51 15.43
N LEU A 277 -16.49 -1.72 14.91
CA LEU A 277 -15.14 -2.21 14.47
C LEU A 277 -14.52 -1.23 13.47
N SER A 278 -15.29 -0.76 12.48
CA SER A 278 -14.85 0.26 11.48
C SER A 278 -14.44 1.56 12.19
N LEU A 279 -15.29 2.09 13.09
CA LEU A 279 -15.05 3.36 13.84
C LEU A 279 -13.79 3.22 14.71
N TYR A 280 -13.70 2.15 15.52
CA TYR A 280 -12.55 1.82 16.41
C TYR A 280 -11.25 1.78 15.59
N LYS A 281 -11.24 1.00 14.50
CA LYS A 281 -10.10 0.85 13.55
C LYS A 281 -9.70 2.21 12.97
N THR A 282 -10.67 2.97 12.44
CA THR A 282 -10.47 4.29 11.75
C THR A 282 -9.75 5.27 12.68
N ARG A 283 -10.25 5.44 13.92
CA ARG A 283 -9.66 6.30 14.99
C ARG A 283 -8.23 5.83 15.31
N LYS A 284 -8.04 4.53 15.55
CA LYS A 284 -6.73 3.92 15.98
C LYS A 284 -5.63 4.26 14.95
N GLN A 285 -5.92 4.11 13.65
CA GLN A 285 -4.93 4.33 12.56
C GLN A 285 -4.47 5.80 12.59
N SER A 286 -5.40 6.76 12.65
CA SER A 286 -5.12 8.22 12.79
C SER A 286 -4.27 8.49 14.04
N GLN A 287 -4.65 7.90 15.19
CA GLN A 287 -3.96 8.03 16.51
C GLN A 287 -2.49 7.58 16.38
N THR A 288 -2.25 6.39 15.83
CA THR A 288 -0.89 5.81 15.59
C THR A 288 -0.11 6.72 14.61
N LEU A 289 -0.74 7.17 13.52
CA LEU A 289 -0.08 7.99 12.45
C LEU A 289 0.35 9.34 13.04
N ARG A 290 -0.55 10.03 13.76
CA ARG A 290 -0.32 11.29 14.52
C ARG A 290 0.88 11.10 15.49
N ASP A 291 0.89 9.99 16.25
CA ASP A 291 1.99 9.64 17.21
C ASP A 291 3.33 9.48 16.45
N MET A 292 3.34 8.66 15.40
CA MET A 292 4.54 8.33 14.56
C MET A 292 5.13 9.60 13.91
N VAL A 293 4.30 10.46 13.28
CA VAL A 293 4.79 11.64 12.49
C VAL A 293 5.38 12.74 13.40
N LYS A 294 4.81 12.96 14.60
CA LYS A 294 5.27 13.99 15.59
C LYS A 294 6.74 13.74 15.97
N LEU A 295 7.60 14.76 15.83
CA LEU A 295 9.02 14.79 16.28
C LEU A 295 9.16 15.96 17.29
N SER A 296 9.75 15.69 18.46
CA SER A 296 9.95 16.65 19.59
C SER A 296 11.43 16.66 20.02
N MET A 297 12.26 17.39 19.26
CA MET A 297 13.69 17.68 19.54
C MET A 297 13.82 19.18 19.84
N ARG A 298 14.40 19.55 20.98
CA ARG A 298 14.72 20.95 21.34
C ARG A 298 15.93 21.40 20.51
N VAL A 299 15.88 22.64 19.97
CA VAL A 299 16.87 23.24 19.04
C VAL A 299 17.33 24.61 19.58
N CYS A 300 18.51 25.05 19.13
CA CYS A 300 19.21 26.32 19.48
C CYS A 300 19.18 27.23 18.24
N VAL A 301 18.18 28.11 18.10
CA VAL A 301 18.16 29.21 17.09
C VAL A 301 19.40 30.07 17.33
N CYS A 302 20.16 30.40 16.26
CA CYS A 302 21.34 31.31 16.31
C CYS A 302 20.85 32.74 16.02
N ARG A 303 20.80 33.59 17.05
CA ARG A 303 20.62 35.07 16.96
C ARG A 303 21.64 35.73 17.88
N PRO A 304 22.23 36.92 17.58
CA PRO A 304 23.24 37.56 18.45
C PRO A 304 22.79 37.69 19.91
N GLY A 305 21.54 38.15 20.12
CA GLY A 305 20.82 38.07 21.40
C GLY A 305 20.22 36.70 21.71
N GLY A 306 19.92 35.88 20.68
CA GLY A 306 19.06 34.67 20.75
C GLY A 306 19.78 33.34 20.52
N GLU A 307 21.10 33.29 20.37
CA GLU A 307 21.87 32.02 20.07
C GLU A 307 22.13 31.28 21.39
N GLU A 308 21.14 30.53 21.89
CA GLU A 308 21.24 29.77 23.17
C GLU A 308 20.67 28.35 23.01
N GLU A 309 21.16 27.42 23.85
CA GLU A 309 20.96 25.96 23.73
C GLU A 309 19.48 25.64 23.99
N TRP A 310 18.82 24.90 23.08
CA TRP A 310 17.47 24.32 23.31
C TRP A 310 16.46 25.45 23.62
N VAL A 311 16.63 26.64 23.00
CA VAL A 311 15.72 27.82 23.19
C VAL A 311 14.28 27.49 22.75
N ASP A 312 14.05 26.52 21.85
CA ASP A 312 12.69 26.19 21.34
C ASP A 312 12.65 24.79 20.70
N SER A 313 11.45 24.33 20.28
CA SER A 313 11.21 23.03 19.59
C SER A 313 10.39 23.24 18.31
N SER A 314 9.13 23.67 18.43
CA SER A 314 8.15 23.85 17.31
C SER A 314 8.14 25.30 16.77
N GLU A 315 8.97 26.22 17.29
CA GLU A 315 8.94 27.68 17.00
C GLU A 315 9.82 28.03 15.79
N LEU A 316 10.68 27.12 15.30
CA LEU A 316 11.75 27.39 14.28
C LEU A 316 11.07 27.84 12.98
N VAL A 317 11.52 28.99 12.42
CA VAL A 317 10.84 29.79 11.35
C VAL A 317 11.55 29.53 10.01
N PRO A 318 10.86 29.60 8.84
CA PRO A 318 11.50 29.30 7.54
C PRO A 318 12.73 30.13 7.17
N GLY A 319 12.82 31.39 7.62
CA GLY A 319 13.99 32.29 7.48
C GLY A 319 15.04 32.14 8.58
N ASP A 320 14.77 31.45 9.69
CA ASP A 320 15.63 31.47 10.92
C ASP A 320 16.94 30.70 10.68
N CYS A 321 17.96 31.04 11.48
CA CYS A 321 19.31 30.41 11.54
C CYS A 321 19.43 29.53 12.79
N LEU A 322 20.11 28.39 12.67
CA LEU A 322 20.28 27.36 13.74
C LEU A 322 21.72 26.81 13.74
N VAL A 323 22.16 26.31 14.92
CA VAL A 323 23.47 25.65 15.15
C VAL A 323 23.22 24.14 15.03
N LEU A 324 23.94 23.46 14.12
CA LEU A 324 23.82 21.98 13.92
C LEU A 324 24.53 21.31 15.11
N PRO A 325 23.95 20.28 15.81
CA PRO A 325 24.63 19.65 16.95
C PRO A 325 25.96 18.97 16.57
N GLN A 326 26.97 19.06 17.46
CA GLN A 326 28.34 18.51 17.27
C GLN A 326 28.35 16.96 17.31
N GLU A 327 27.25 16.31 17.71
CA GLU A 327 27.05 14.84 17.58
C GLU A 327 25.71 14.52 16.90
N GLY A 328 25.30 13.24 16.92
CA GLY A 328 24.02 12.69 16.42
C GLY A 328 22.82 13.60 16.69
N GLY A 329 22.09 14.03 15.64
CA GLY A 329 20.89 14.90 15.76
C GLY A 329 19.91 14.70 14.61
N LEU A 330 18.62 14.53 14.92
CA LEU A 330 17.53 14.33 13.91
C LEU A 330 17.03 15.73 13.49
N MET A 331 17.18 16.09 12.21
CA MET A 331 16.90 17.46 11.69
C MET A 331 15.40 17.72 11.77
N PRO A 332 14.91 18.79 12.48
CA PRO A 332 13.49 19.15 12.49
C PRO A 332 12.96 19.90 11.25
N CYS A 333 13.80 20.68 10.55
CA CYS A 333 13.43 21.53 9.38
C CYS A 333 14.41 21.36 8.22
N ASP A 334 13.91 21.36 6.97
CA ASP A 334 14.77 21.39 5.76
C ASP A 334 15.51 22.73 5.75
N ALA A 335 16.84 22.67 5.65
CA ALA A 335 17.79 23.79 5.86
C ALA A 335 19.02 23.65 4.95
N ALA A 336 19.80 24.72 4.80
CA ALA A 336 21.07 24.82 4.04
C ALA A 336 22.21 25.18 4.99
N LEU A 337 23.34 24.44 4.98
CA LEU A 337 24.46 24.66 5.93
C LEU A 337 25.37 25.80 5.39
N VAL A 338 25.38 26.94 6.09
CA VAL A 338 26.16 28.17 5.72
C VAL A 338 27.65 27.91 6.03
N ALA A 339 27.97 27.30 7.18
CA ALA A 339 29.34 27.13 7.72
C ALA A 339 29.59 25.69 8.21
N GLY A 340 30.76 25.13 7.87
CA GLY A 340 31.27 23.81 8.30
C GLY A 340 30.97 22.70 7.30
N GLU A 341 31.28 21.45 7.67
CA GLU A 341 30.98 20.21 6.87
C GLU A 341 30.40 19.12 7.78
N CYS A 342 29.44 18.34 7.27
CA CYS A 342 28.66 17.30 8.01
C CYS A 342 28.56 15.99 7.21
N MET A 343 28.42 14.86 7.93
CA MET A 343 28.05 13.52 7.39
C MET A 343 26.65 13.19 7.90
N VAL A 344 25.72 12.87 6.98
CA VAL A 344 24.27 12.62 7.28
C VAL A 344 23.86 11.23 6.77
N ASN A 345 22.89 10.61 7.44
CA ASN A 345 22.16 9.39 6.98
C ASN A 345 20.82 9.86 6.36
N GLU A 346 20.60 9.54 5.08
CA GLU A 346 19.41 9.94 4.26
C GLU A 346 18.42 8.76 4.14
N SER A 347 18.41 7.78 5.06
CA SER A 347 17.58 6.54 5.01
C SER A 347 16.08 6.87 4.85
N SER A 348 15.58 7.89 5.55
CA SER A 348 14.23 8.50 5.37
C SER A 348 14.00 8.92 3.91
N LEU A 349 14.92 9.70 3.34
CA LEU A 349 14.78 10.34 2.00
C LEU A 349 14.99 9.30 0.90
N THR A 350 16.06 8.50 0.94
CA THR A 350 16.54 7.60 -0.15
C THR A 350 16.35 6.10 0.15
N GLY A 351 16.43 5.66 1.42
CA GLY A 351 16.48 4.23 1.80
C GLY A 351 17.87 3.62 1.76
N GLU A 352 18.94 4.41 1.58
CA GLU A 352 20.36 3.96 1.59
C GLU A 352 20.98 4.40 2.93
N SER A 353 21.41 3.44 3.76
CA SER A 353 21.98 3.67 5.12
C SER A 353 23.40 4.27 5.06
N ILE A 354 24.12 4.17 3.94
CA ILE A 354 25.52 4.68 3.78
C ILE A 354 25.55 6.20 4.00
N PRO A 355 26.50 6.76 4.80
CA PRO A 355 26.52 8.20 5.09
C PRO A 355 26.91 9.06 3.88
N VAL A 356 26.37 10.27 3.79
CA VAL A 356 26.52 11.24 2.65
C VAL A 356 27.16 12.52 3.21
N LEU A 357 28.21 13.03 2.53
CA LEU A 357 28.95 14.27 2.88
C LEU A 357 28.14 15.48 2.39
N LYS A 358 27.87 16.44 3.29
CA LYS A 358 27.27 17.77 3.02
C LYS A 358 28.29 18.84 3.42
N THR A 359 28.61 19.79 2.53
CA THR A 359 29.62 20.88 2.71
C THR A 359 28.91 22.24 2.71
N ALA A 360 29.54 23.24 3.34
CA ALA A 360 29.05 24.65 3.47
C ALA A 360 28.72 25.22 2.08
N LEU A 361 27.54 25.85 1.93
CA LEU A 361 27.03 26.40 0.62
C LEU A 361 28.01 27.49 0.17
N PRO A 362 28.65 27.44 -1.04
CA PRO A 362 29.42 28.59 -1.53
C PRO A 362 28.52 29.82 -1.80
N GLU A 363 28.92 31.01 -1.31
CA GLU A 363 28.19 32.30 -1.49
C GLU A 363 28.15 32.62 -2.99
N GLY A 364 26.94 32.68 -3.57
CA GLY A 364 26.66 32.81 -5.02
C GLY A 364 25.82 34.03 -5.32
N LEU A 365 26.42 35.05 -5.97
CA LEU A 365 25.75 36.31 -6.43
C LEU A 365 24.57 35.97 -7.36
N GLY A 366 24.74 34.97 -8.25
CA GLY A 366 23.74 34.48 -9.22
C GLY A 366 22.40 34.12 -8.57
N PRO A 367 21.24 34.56 -9.14
CA PRO A 367 19.92 34.35 -8.51
C PRO A 367 19.43 32.91 -8.71
N TYR A 368 19.93 32.00 -7.85
CA TYR A 368 19.63 30.54 -7.83
C TYR A 368 19.11 30.15 -6.43
N CYS A 369 17.93 29.51 -6.36
CA CYS A 369 17.42 28.79 -5.15
C CYS A 369 18.07 27.41 -5.03
N ALA A 370 18.27 26.94 -3.80
CA ALA A 370 18.91 25.63 -3.45
C ALA A 370 18.06 24.42 -3.89
N GLU A 371 16.74 24.58 -4.08
CA GLU A 371 15.74 23.56 -4.55
C GLU A 371 16.33 22.67 -5.66
N THR A 372 16.78 23.30 -6.75
CA THR A 372 17.49 22.66 -7.91
C THR A 372 18.75 21.91 -7.44
N HIS A 373 19.58 22.55 -6.60
CA HIS A 373 20.93 22.07 -6.19
C HIS A 373 20.79 20.77 -5.41
N ARG A 374 19.97 20.79 -4.34
CA ARG A 374 19.60 19.61 -3.51
C ARG A 374 20.85 18.96 -2.87
N ARG A 375 22.00 19.67 -2.80
CA ARG A 375 23.35 19.09 -2.58
C ARG A 375 23.90 19.53 -1.21
N HIS A 376 23.83 20.83 -0.87
CA HIS A 376 24.35 21.43 0.40
C HIS A 376 23.21 21.71 1.40
N THR A 377 22.11 20.93 1.37
CA THR A 377 20.85 21.15 2.14
C THR A 377 20.47 19.85 2.88
N LEU A 378 20.18 19.96 4.18
CA LEU A 378 19.87 18.84 5.12
C LEU A 378 18.36 18.90 5.37
N PHE A 379 17.65 17.79 5.14
CA PHE A 379 16.16 17.70 5.04
C PHE A 379 15.56 17.22 6.37
N CYS A 380 14.30 17.57 6.64
CA CYS A 380 13.53 17.16 7.85
C CYS A 380 13.39 15.62 7.87
N GLY A 381 13.72 14.99 9.00
CA GLY A 381 13.74 13.52 9.15
C GLY A 381 15.11 12.90 8.90
N THR A 382 16.05 13.56 8.20
CA THR A 382 17.46 13.07 8.06
C THR A 382 18.17 13.20 9.42
N LEU A 383 19.17 12.34 9.64
CA LEU A 383 20.01 12.27 10.88
C LEU A 383 21.42 12.76 10.53
N ILE A 384 21.91 13.80 11.21
CA ILE A 384 23.34 14.29 11.11
C ILE A 384 24.18 13.37 12.01
N LEU A 385 24.90 12.40 11.40
CA LEU A 385 25.85 11.48 12.09
C LEU A 385 26.98 12.30 12.77
N GLN A 386 27.67 13.13 11.98
CA GLN A 386 28.86 13.95 12.38
C GLN A 386 28.68 15.36 11.82
N ALA A 387 28.94 16.40 12.64
CA ALA A 387 28.98 17.83 12.24
C ALA A 387 30.33 18.42 12.67
N ARG A 388 31.16 18.86 11.71
CA ARG A 388 32.56 19.35 11.90
C ARG A 388 32.63 20.85 11.53
N ALA A 389 33.04 21.69 12.50
CA ALA A 389 33.29 23.15 12.36
C ALA A 389 34.80 23.39 12.21
N TYR A 390 35.22 24.04 11.13
CA TYR A 390 36.64 24.39 10.80
C TYR A 390 36.78 25.90 10.58
N VAL A 391 35.97 26.50 9.69
CA VAL A 391 36.03 27.95 9.31
C VAL A 391 35.39 28.85 10.39
N GLY A 392 34.48 28.34 11.25
CA GLY A 392 33.71 29.11 12.25
C GLY A 392 33.76 28.50 13.66
N PRO A 393 33.17 29.17 14.69
CA PRO A 393 33.12 28.62 16.06
C PRO A 393 32.31 27.33 16.16
N HIS A 394 31.15 27.25 15.48
CA HIS A 394 30.34 26.02 15.30
C HIS A 394 29.71 25.98 13.89
N VAL A 395 29.38 24.76 13.43
CA VAL A 395 28.57 24.45 12.21
C VAL A 395 27.26 25.26 12.27
N LEU A 396 26.96 26.05 11.22
CA LEU A 396 25.85 27.04 11.19
C LEU A 396 25.02 26.86 9.91
N ALA A 397 23.69 26.72 10.04
CA ALA A 397 22.71 26.49 8.94
C ALA A 397 21.55 27.49 9.01
N VAL A 398 20.93 27.76 7.86
CA VAL A 398 19.74 28.65 7.67
C VAL A 398 18.59 27.78 7.14
N VAL A 399 17.39 27.92 7.75
CA VAL A 399 16.18 27.10 7.41
C VAL A 399 15.75 27.47 5.97
N THR A 400 15.22 26.50 5.23
CA THR A 400 14.68 26.64 3.85
C THR A 400 13.16 26.39 3.89
N ARG A 401 12.73 25.21 4.36
CA ARG A 401 11.30 24.77 4.43
C ARG A 401 10.95 24.30 5.86
N THR A 402 9.71 24.57 6.30
CA THR A 402 9.14 24.26 7.65
C THR A 402 7.80 23.53 7.50
N GLY A 403 7.44 22.69 8.49
CA GLY A 403 6.12 22.02 8.64
C GLY A 403 5.72 21.23 7.41
N PHE A 404 4.44 21.35 6.97
CA PHE A 404 3.85 20.67 5.77
C PHE A 404 4.63 20.96 4.48
N CYS A 405 5.32 22.11 4.36
CA CYS A 405 6.14 22.47 3.17
C CYS A 405 7.34 21.53 2.99
N THR A 406 7.92 20.94 4.06
CA THR A 406 9.10 20.03 3.98
C THR A 406 8.69 18.69 3.34
N ALA A 407 9.67 17.97 2.77
CA ALA A 407 9.52 16.73 1.96
C ALA A 407 8.77 15.65 2.74
N LYS A 408 9.22 15.37 3.97
CA LYS A 408 8.55 14.56 5.03
C LYS A 408 7.06 14.94 5.10
N GLY A 409 6.76 16.24 5.22
CA GLY A 409 5.42 16.84 5.19
C GLY A 409 4.68 16.54 3.91
N GLY A 410 5.35 16.65 2.75
CA GLY A 410 4.86 16.21 1.42
C GLY A 410 4.41 14.76 1.43
N LEU A 411 5.22 13.87 2.03
CA LEU A 411 4.87 12.43 2.21
C LEU A 411 3.68 12.29 3.19
N VAL A 412 3.63 13.07 4.28
CA VAL A 412 2.46 13.06 5.24
C VAL A 412 1.19 13.51 4.49
N SER A 413 1.27 14.56 3.66
CA SER A 413 0.17 15.01 2.75
C SER A 413 -0.22 13.88 1.77
N SER A 414 0.77 13.14 1.25
CA SER A 414 0.59 11.96 0.36
C SER A 414 -0.18 10.84 1.08
N ILE A 415 0.21 10.47 2.32
CA ILE A 415 -0.45 9.36 3.10
C ILE A 415 -1.84 9.82 3.59
N LEU A 416 -2.04 11.12 3.87
CA LEU A 416 -3.40 11.72 4.06
C LEU A 416 -4.06 11.94 2.69
N HIS A 417 -5.33 12.39 2.69
CA HIS A 417 -6.10 12.86 1.50
C HIS A 417 -6.16 11.77 0.41
N PRO A 418 -6.58 10.51 0.71
CA PRO A 418 -6.43 9.38 -0.21
C PRO A 418 -7.60 9.17 -1.20
N ARG A 419 -7.29 9.00 -2.49
CA ARG A 419 -8.29 8.65 -3.55
C ARG A 419 -8.89 7.27 -3.25
N PRO A 420 -10.21 6.99 -3.53
CA PRO A 420 -10.79 5.67 -3.28
C PRO A 420 -10.27 4.59 -4.25
N ILE A 421 -10.43 3.32 -3.86
CA ILE A 421 -9.86 2.14 -4.61
C ILE A 421 -10.86 1.88 -5.74
N ASN A 422 -10.38 1.77 -7.00
CA ASN A 422 -11.19 1.47 -8.22
C ASN A 422 -11.12 -0.04 -8.49
N PHE A 423 -12.19 -0.77 -8.15
CA PHE A 423 -12.33 -2.25 -8.26
C PHE A 423 -13.63 -2.58 -9.03
N LYS A 424 -13.50 -3.11 -10.25
CA LYS A 424 -14.60 -3.37 -11.21
C LYS A 424 -15.69 -4.21 -10.53
N PHE A 425 -15.32 -5.30 -9.86
CA PHE A 425 -16.21 -6.22 -9.08
C PHE A 425 -17.13 -5.41 -8.14
N TYR A 426 -16.55 -4.53 -7.29
CA TYR A 426 -17.32 -3.80 -6.24
C TYR A 426 -18.32 -2.84 -6.89
N LYS A 427 -17.92 -2.07 -7.91
CA LYS A 427 -18.84 -1.15 -8.66
C LYS A 427 -19.89 -1.97 -9.44
N HIS A 428 -19.48 -3.02 -10.16
CA HIS A 428 -20.38 -3.95 -10.92
C HIS A 428 -21.39 -4.63 -9.99
N SER A 429 -21.01 -5.00 -8.76
CA SER A 429 -21.92 -5.53 -7.71
C SER A 429 -23.03 -4.51 -7.41
N MET A 430 -22.66 -3.23 -7.21
CA MET A 430 -23.60 -2.12 -6.88
C MET A 430 -24.59 -1.90 -8.04
N LYS A 431 -24.11 -1.94 -9.29
CA LYS A 431 -24.96 -1.89 -10.52
C LYS A 431 -25.96 -3.07 -10.54
N PHE A 432 -25.51 -4.29 -10.25
CA PHE A 432 -26.38 -5.51 -10.16
C PHE A 432 -27.42 -5.32 -9.05
N VAL A 433 -26.99 -4.90 -7.85
CA VAL A 433 -27.89 -4.61 -6.67
C VAL A 433 -28.93 -3.53 -7.09
N ALA A 434 -28.50 -2.49 -7.84
CA ALA A 434 -29.39 -1.45 -8.42
C ALA A 434 -30.40 -2.09 -9.37
N ALA A 435 -29.96 -2.98 -10.28
CA ALA A 435 -30.81 -3.70 -11.27
C ALA A 435 -31.92 -4.48 -10.55
N LEU A 436 -31.59 -5.19 -9.46
CA LEU A 436 -32.57 -5.90 -8.59
C LEU A 436 -33.61 -4.92 -8.02
N SER A 437 -33.23 -3.68 -7.68
CA SER A 437 -34.18 -2.62 -7.20
C SER A 437 -35.22 -2.28 -8.29
N VAL A 438 -34.83 -2.24 -9.58
CA VAL A 438 -35.77 -2.00 -10.73
C VAL A 438 -36.78 -3.16 -10.78
N LEU A 439 -36.33 -4.42 -10.64
CA LEU A 439 -37.22 -5.62 -10.59
C LEU A 439 -38.18 -5.53 -9.38
N ALA A 440 -37.71 -5.03 -8.22
CA ALA A 440 -38.54 -4.84 -6.99
C ALA A 440 -39.67 -3.84 -7.24
N LEU A 441 -39.38 -2.70 -7.90
CA LEU A 441 -40.39 -1.68 -8.32
C LEU A 441 -41.47 -2.33 -9.20
N LEU A 442 -41.08 -3.14 -10.19
CA LEU A 442 -42.02 -3.92 -11.05
C LEU A 442 -42.85 -4.87 -10.18
N GLY A 443 -42.19 -5.69 -9.36
CA GLY A 443 -42.81 -6.64 -8.40
C GLY A 443 -43.86 -6.00 -7.50
N THR A 444 -43.54 -4.81 -6.93
CA THR A 444 -44.42 -3.99 -6.06
C THR A 444 -45.76 -3.71 -6.77
N ILE A 445 -45.78 -3.37 -8.07
CA ILE A 445 -47.05 -3.03 -8.79
C ILE A 445 -47.88 -4.31 -8.92
N TYR A 446 -47.26 -5.44 -9.30
CA TYR A 446 -47.91 -6.78 -9.42
C TYR A 446 -48.51 -7.17 -8.07
N SER A 447 -47.75 -7.03 -6.98
CA SER A 447 -48.21 -7.22 -5.58
C SER A 447 -49.45 -6.36 -5.32
N ILE A 448 -49.34 -5.03 -5.52
CA ILE A 448 -50.41 -4.00 -5.26
C ILE A 448 -51.70 -4.42 -5.97
N PHE A 449 -51.66 -4.61 -7.30
CA PHE A 449 -52.84 -4.89 -8.16
C PHE A 449 -53.50 -6.21 -7.74
N ILE A 450 -52.75 -7.32 -7.70
CA ILE A 450 -53.28 -8.69 -7.42
C ILE A 450 -53.83 -8.72 -5.97
N LEU A 451 -53.13 -8.15 -4.98
CA LEU A 451 -53.64 -8.02 -3.58
C LEU A 451 -54.91 -7.14 -3.54
N TYR A 452 -54.99 -6.07 -4.35
CA TYR A 452 -56.19 -5.20 -4.50
C TYR A 452 -57.35 -6.02 -5.10
N ARG A 453 -57.09 -6.82 -6.15
CA ARG A 453 -58.04 -7.83 -6.73
C ARG A 453 -58.45 -8.85 -5.64
N ASN A 454 -57.54 -9.27 -4.76
CA ASN A 454 -57.85 -10.17 -3.60
C ASN A 454 -58.66 -9.42 -2.54
N ARG A 455 -58.71 -8.07 -2.57
CA ARG A 455 -59.58 -7.19 -1.73
C ARG A 455 -59.08 -7.28 -0.27
N VAL A 456 -57.76 -7.27 -0.07
CA VAL A 456 -57.11 -7.29 1.27
C VAL A 456 -57.16 -5.86 1.83
N PRO A 457 -57.03 -5.65 3.18
CA PRO A 457 -56.95 -4.30 3.75
C PRO A 457 -55.73 -3.48 3.28
N LEU A 458 -55.93 -2.17 3.05
CA LEU A 458 -54.91 -1.19 2.53
C LEU A 458 -53.62 -1.28 3.36
N ASN A 459 -53.76 -1.28 4.70
CA ASN A 459 -52.68 -1.41 5.72
C ASN A 459 -51.73 -2.56 5.36
N GLU A 460 -52.27 -3.79 5.22
CA GLU A 460 -51.52 -5.03 4.82
C GLU A 460 -50.66 -4.74 3.58
N ILE A 461 -51.25 -4.11 2.55
CA ILE A 461 -50.67 -3.97 1.18
C ILE A 461 -49.37 -3.16 1.29
N VAL A 462 -49.38 -2.04 2.04
CA VAL A 462 -48.20 -1.11 2.16
C VAL A 462 -47.03 -1.86 2.84
N ILE A 463 -47.30 -2.65 3.90
CA ILE A 463 -46.26 -3.45 4.62
C ILE A 463 -45.76 -4.55 3.65
N ARG A 464 -46.68 -5.28 3.00
CA ARG A 464 -46.36 -6.45 2.12
C ARG A 464 -45.61 -6.00 0.86
N ALA A 465 -46.09 -4.95 0.18
CA ALA A 465 -45.44 -4.32 -1.02
C ALA A 465 -43.96 -4.05 -0.70
N LEU A 466 -43.72 -3.31 0.39
CA LEU A 466 -42.36 -2.96 0.91
C LEU A 466 -41.58 -4.24 1.27
N ASP A 467 -42.22 -5.22 1.94
CA ASP A 467 -41.60 -6.53 2.33
C ASP A 467 -40.94 -7.17 1.09
N LEU A 468 -41.64 -7.20 -0.06
CA LEU A 468 -41.12 -7.80 -1.32
C LEU A 468 -39.81 -7.10 -1.75
N VAL A 469 -39.71 -5.77 -1.62
CA VAL A 469 -38.47 -4.98 -1.96
C VAL A 469 -37.28 -5.52 -1.15
N THR A 470 -37.49 -5.77 0.16
CA THR A 470 -36.46 -6.35 1.06
C THR A 470 -36.19 -7.83 0.74
N VAL A 471 -37.16 -8.59 0.19
CA VAL A 471 -36.94 -9.97 -0.33
C VAL A 471 -35.99 -9.90 -1.54
N VAL A 472 -36.23 -8.98 -2.49
CA VAL A 472 -35.50 -8.88 -3.81
C VAL A 472 -34.05 -8.45 -3.55
N VAL A 473 -33.84 -7.35 -2.81
CA VAL A 473 -32.50 -6.76 -2.49
C VAL A 473 -32.08 -7.37 -1.14
N PRO A 474 -31.09 -8.31 -1.07
CA PRO A 474 -30.84 -9.05 0.18
C PRO A 474 -30.08 -8.19 1.21
N PRO A 475 -30.67 -7.85 2.39
CA PRO A 475 -30.05 -6.92 3.33
C PRO A 475 -28.78 -7.44 4.04
N ALA A 476 -28.54 -8.76 4.07
CA ALA A 476 -27.33 -9.42 4.63
C ALA A 476 -26.16 -9.49 3.61
N LEU A 477 -26.36 -9.14 2.31
CA LEU A 477 -25.38 -9.38 1.20
C LEU A 477 -23.98 -8.85 1.55
N PRO A 478 -23.79 -7.62 2.07
CA PRO A 478 -22.46 -7.14 2.49
C PRO A 478 -21.80 -8.05 3.54
N ALA A 479 -22.55 -8.38 4.60
CA ALA A 479 -22.12 -9.23 5.75
C ALA A 479 -21.62 -10.59 5.25
N ALA A 480 -22.40 -11.26 4.39
CA ALA A 480 -22.06 -12.54 3.72
C ALA A 480 -20.70 -12.44 3.01
N MET A 481 -20.52 -11.42 2.16
CA MET A 481 -19.30 -11.25 1.32
C MET A 481 -18.06 -11.10 2.22
N THR A 482 -18.16 -10.35 3.32
CA THR A 482 -17.08 -10.19 4.35
C THR A 482 -16.63 -11.56 4.89
N VAL A 483 -17.51 -12.56 5.05
CA VAL A 483 -17.19 -13.89 5.66
C VAL A 483 -16.05 -14.55 4.88
N CYS A 484 -16.04 -14.46 3.53
CA CYS A 484 -14.93 -14.92 2.63
C CYS A 484 -13.59 -14.33 3.07
N THR A 485 -13.55 -13.01 3.27
CA THR A 485 -12.31 -12.24 3.60
C THR A 485 -11.88 -12.58 5.04
N LEU A 486 -12.83 -12.61 5.99
CA LEU A 486 -12.61 -12.96 7.44
C LEU A 486 -11.84 -14.29 7.60
N TYR A 487 -12.23 -15.33 6.85
CA TYR A 487 -11.52 -16.65 6.80
C TYR A 487 -10.08 -16.47 6.28
N ALA A 488 -9.93 -15.78 5.13
CA ALA A 488 -8.63 -15.57 4.44
C ALA A 488 -7.66 -14.80 5.33
N GLN A 489 -8.13 -13.75 6.02
CA GLN A 489 -7.40 -13.02 7.10
C GLN A 489 -6.85 -14.02 8.15
N SER A 490 -7.69 -14.95 8.63
CA SER A 490 -7.32 -15.96 9.67
C SER A 490 -6.19 -16.87 9.15
N ARG A 491 -6.30 -17.37 7.92
CA ARG A 491 -5.23 -18.17 7.24
C ARG A 491 -3.94 -17.35 7.12
N LEU A 492 -4.04 -16.09 6.66
CA LEU A 492 -2.89 -15.14 6.53
C LEU A 492 -2.21 -14.91 7.89
N ARG A 493 -2.99 -14.73 8.98
CA ARG A 493 -2.44 -14.55 10.37
C ARG A 493 -1.61 -15.78 10.77
N ARG A 494 -2.07 -17.01 10.46
CA ARG A 494 -1.32 -18.27 10.72
C ARG A 494 -0.02 -18.30 9.87
N GLN A 495 -0.06 -17.83 8.62
CA GLN A 495 1.16 -17.69 7.75
C GLN A 495 2.10 -16.56 8.24
N GLY A 496 1.70 -15.71 9.20
CA GLY A 496 2.51 -14.63 9.81
C GLY A 496 2.36 -13.29 9.09
N ILE A 497 1.34 -13.12 8.23
CA ILE A 497 1.03 -11.87 7.47
C ILE A 497 -0.20 -11.24 8.16
N PHE A 498 -0.01 -10.13 8.89
CA PHE A 498 -1.04 -9.42 9.69
C PHE A 498 -1.71 -8.39 8.78
N CYS A 499 -2.96 -8.66 8.37
CA CYS A 499 -3.76 -7.84 7.41
C CYS A 499 -4.89 -7.10 8.14
N ILE A 500 -4.79 -5.77 8.24
CA ILE A 500 -5.95 -4.85 8.49
C ILE A 500 -6.69 -4.63 7.16
N HIS A 501 -7.96 -4.23 7.23
CA HIS A 501 -8.84 -3.91 6.07
C HIS A 501 -8.95 -5.16 5.17
N PRO A 502 -9.54 -6.27 5.67
CA PRO A 502 -9.50 -7.57 4.96
C PRO A 502 -10.15 -7.62 3.58
N LEU A 503 -11.11 -6.74 3.27
CA LEU A 503 -11.70 -6.55 1.90
C LEU A 503 -10.62 -6.28 0.84
N ARG A 504 -9.48 -5.66 1.22
CA ARG A 504 -8.30 -5.47 0.32
C ARG A 504 -7.66 -6.80 -0.09
N ILE A 505 -7.85 -7.94 0.65
CA ILE A 505 -7.38 -9.31 0.24
C ILE A 505 -7.93 -9.61 -1.17
N ASN A 506 -9.22 -9.34 -1.44
CA ASN A 506 -9.87 -9.53 -2.78
C ASN A 506 -9.02 -8.92 -3.90
N LEU A 507 -8.41 -7.73 -3.67
CA LEU A 507 -7.60 -7.00 -4.69
C LEU A 507 -6.36 -7.82 -5.08
N GLY A 508 -5.81 -8.64 -4.16
CA GLY A 508 -4.75 -9.64 -4.38
C GLY A 508 -4.96 -10.49 -5.63
N GLY A 509 -6.17 -11.01 -5.82
CA GLY A 509 -6.61 -11.81 -6.99
C GLY A 509 -6.33 -11.13 -8.32
N LYS A 510 -6.60 -9.82 -8.42
CA LYS A 510 -6.54 -9.04 -9.69
C LYS A 510 -5.14 -8.47 -9.97
N LEU A 511 -4.11 -8.70 -9.14
CA LEU A 511 -2.77 -8.05 -9.30
C LEU A 511 -2.09 -8.57 -10.58
N GLN A 512 -1.72 -7.63 -11.47
CA GLN A 512 -0.98 -7.84 -12.74
C GLN A 512 0.47 -7.33 -12.65
N LEU A 513 0.81 -6.45 -11.68
CA LEU A 513 2.16 -5.85 -11.49
C LEU A 513 2.47 -5.72 -9.99
N VAL A 514 3.57 -6.33 -9.51
CA VAL A 514 4.13 -6.12 -8.14
C VAL A 514 5.40 -5.27 -8.25
N CYS A 515 5.40 -4.07 -7.63
CA CYS A 515 6.56 -3.14 -7.51
C CYS A 515 7.36 -3.45 -6.24
N PHE A 516 8.69 -3.52 -6.33
CA PHE A 516 9.62 -3.94 -5.25
C PHE A 516 10.64 -2.84 -4.93
N ASP A 517 10.72 -2.42 -3.67
CA ASP A 517 11.91 -1.76 -3.05
C ASP A 517 13.10 -2.74 -3.10
N LYS A 518 14.34 -2.23 -3.21
CA LYS A 518 15.59 -3.01 -3.36
C LYS A 518 16.17 -3.36 -1.97
N THR A 519 16.50 -2.34 -1.17
CA THR A 519 17.37 -2.47 0.05
C THR A 519 16.54 -2.92 1.26
N GLY A 520 16.80 -4.12 1.79
CA GLY A 520 16.07 -4.73 2.92
C GLY A 520 14.76 -5.43 2.54
N THR A 521 14.43 -5.53 1.24
CA THR A 521 13.25 -6.24 0.68
C THR A 521 13.77 -7.35 -0.25
N LEU A 522 14.22 -6.99 -1.46
CA LEU A 522 14.79 -7.96 -2.45
C LEU A 522 16.20 -8.36 -2.00
N THR A 523 17.05 -7.39 -1.59
CA THR A 523 18.45 -7.64 -1.14
C THR A 523 18.54 -7.62 0.39
N GLU A 524 19.63 -8.19 0.91
CA GLU A 524 19.98 -8.15 2.36
C GLU A 524 20.37 -6.71 2.73
N ASP A 525 20.03 -6.29 3.95
CA ASP A 525 20.00 -4.88 4.43
C ASP A 525 21.42 -4.31 4.52
N GLY A 526 22.37 -5.07 5.10
CA GLY A 526 23.78 -4.68 5.30
C GLY A 526 24.69 -5.21 4.21
N LEU A 527 25.57 -4.35 3.65
CA LEU A 527 26.68 -4.72 2.72
C LEU A 527 27.59 -5.76 3.40
N ASP A 528 27.99 -6.82 2.68
CA ASP A 528 28.78 -7.95 3.22
C ASP A 528 30.05 -8.12 2.38
N VAL A 529 31.23 -8.08 3.02
CA VAL A 529 32.58 -8.31 2.40
C VAL A 529 32.55 -9.63 1.63
N MET A 530 32.59 -9.56 0.29
CA MET A 530 32.63 -10.73 -0.63
C MET A 530 34.06 -11.28 -0.69
N GLY A 531 35.06 -10.40 -0.91
CA GLY A 531 36.47 -10.81 -1.05
C GLY A 531 37.48 -9.67 -0.97
N VAL A 532 38.78 -10.03 -0.99
CA VAL A 532 39.96 -9.12 -0.94
C VAL A 532 40.93 -9.49 -2.06
N VAL A 533 41.64 -8.51 -2.65
CA VAL A 533 42.63 -8.71 -3.76
C VAL A 533 44.04 -8.50 -3.18
N PRO A 534 45.00 -9.47 -3.34
CA PRO A 534 46.35 -9.37 -2.77
C PRO A 534 47.33 -8.27 -3.24
N LEU A 535 47.37 -7.93 -4.54
CA LEU A 535 48.39 -7.06 -5.20
C LEU A 535 49.82 -7.49 -4.81
N LYS A 536 50.14 -8.79 -4.97
CA LYS A 536 51.45 -9.38 -4.53
C LYS A 536 52.60 -8.76 -5.34
N GLY A 537 52.50 -8.79 -6.67
CA GLY A 537 53.45 -8.18 -7.62
C GLY A 537 53.11 -6.74 -7.95
N GLN A 538 53.66 -6.23 -9.07
CA GLN A 538 53.43 -4.85 -9.60
C GLN A 538 51.95 -4.72 -9.98
N ALA A 539 51.46 -5.64 -10.82
CA ALA A 539 50.06 -5.77 -11.29
C ALA A 539 49.18 -6.36 -10.19
N PHE A 540 47.85 -6.19 -10.32
CA PHE A 540 46.83 -6.72 -9.35
C PHE A 540 46.73 -8.25 -9.47
N LEU A 541 46.30 -8.90 -8.37
CA LEU A 541 46.21 -10.38 -8.20
C LEU A 541 44.74 -10.82 -8.00
N PRO A 542 44.38 -12.11 -8.19
CA PRO A 542 42.98 -12.57 -8.07
C PRO A 542 42.37 -12.51 -6.66
N LEU A 543 41.06 -12.22 -6.58
CA LEU A 543 40.25 -12.03 -5.32
C LEU A 543 40.18 -13.34 -4.54
N VAL A 544 40.33 -13.29 -3.20
CA VAL A 544 40.30 -14.47 -2.27
C VAL A 544 38.86 -14.64 -1.77
N PRO A 545 38.17 -15.80 -1.95
CA PRO A 545 36.77 -15.97 -1.52
C PRO A 545 36.46 -15.85 -0.01
N GLU A 546 37.26 -16.48 0.86
CA GLU A 546 36.97 -16.67 2.32
C GLU A 546 37.90 -15.77 3.15
N PRO A 547 37.41 -14.68 3.81
CA PRO A 547 38.20 -13.93 4.80
C PRO A 547 38.62 -14.73 6.04
N ARG A 548 37.76 -15.65 6.54
CA ARG A 548 38.08 -16.63 7.64
C ARG A 548 39.37 -17.41 7.30
N ARG A 549 39.55 -17.84 6.04
CA ARG A 549 40.85 -18.36 5.50
C ARG A 549 41.69 -17.19 4.94
N LEU A 550 41.85 -16.12 5.75
CA LEU A 550 42.91 -15.07 5.70
C LEU A 550 44.28 -15.68 5.36
N PRO A 551 45.05 -15.16 4.36
CA PRO A 551 46.42 -15.64 4.12
C PRO A 551 47.30 -15.23 5.31
N VAL A 552 47.90 -16.22 5.99
CA VAL A 552 48.59 -16.06 7.30
C VAL A 552 49.85 -15.20 7.09
N GLY A 553 49.99 -14.12 7.87
CA GLY A 553 51.02 -13.06 7.72
C GLY A 553 50.40 -11.66 7.65
N PRO A 554 50.99 -10.69 6.88
CA PRO A 554 50.66 -9.26 7.03
C PRO A 554 49.20 -8.91 6.70
N LEU A 555 48.62 -9.54 5.66
CA LEU A 555 47.17 -9.45 5.29
C LEU A 555 46.29 -9.86 6.48
N LEU A 556 46.59 -11.03 7.09
CA LEU A 556 45.89 -11.57 8.30
C LEU A 556 45.94 -10.52 9.43
N ARG A 557 47.13 -9.97 9.72
CA ARG A 557 47.34 -8.89 10.74
C ARG A 557 46.47 -7.68 10.39
N ALA A 558 46.67 -7.16 9.17
CA ALA A 558 46.04 -5.93 8.61
C ALA A 558 44.51 -6.00 8.75
N LEU A 559 43.89 -7.08 8.25
CA LEU A 559 42.42 -7.30 8.27
C LEU A 559 41.90 -7.30 9.72
N ALA A 560 42.55 -8.06 10.62
CA ALA A 560 42.13 -8.19 12.05
C ALA A 560 42.24 -6.85 12.77
N THR A 561 43.39 -6.16 12.65
CA THR A 561 43.72 -4.91 13.39
C THR A 561 43.22 -3.63 12.66
N CYS A 562 42.66 -3.72 11.44
CA CYS A 562 41.98 -2.57 10.75
C CYS A 562 40.57 -2.40 11.36
N HIS A 563 40.52 -1.82 12.57
CA HIS A 563 39.29 -1.55 13.37
C HIS A 563 39.32 -0.08 13.85
N ALA A 564 38.23 0.65 13.62
CA ALA A 564 37.83 1.85 14.41
C ALA A 564 36.93 1.46 15.60
N LEU A 565 36.73 0.16 15.88
CA LEU A 565 35.71 -0.37 16.83
C LEU A 565 36.14 -0.06 18.27
N SER A 566 35.20 0.39 19.10
CA SER A 566 35.34 0.61 20.57
C SER A 566 34.86 -0.64 21.32
N ARG A 567 35.63 -1.09 22.31
CA ARG A 567 35.36 -2.32 23.12
C ARG A 567 34.08 -2.08 23.94
N LEU A 568 33.10 -3.00 23.89
CA LEU A 568 31.83 -2.95 24.66
C LEU A 568 31.66 -4.28 25.41
N GLN A 569 30.84 -4.29 26.48
CA GLN A 569 30.57 -5.48 27.34
C GLN A 569 30.03 -6.62 26.46
N ASP A 570 30.85 -7.66 26.25
CA ASP A 570 30.65 -8.85 25.37
C ASP A 570 30.21 -8.46 23.94
N THR A 571 30.65 -7.30 23.41
CA THR A 571 30.22 -6.75 22.08
C THR A 571 31.30 -5.80 21.52
N PRO A 572 31.53 -5.73 20.18
CA PRO A 572 32.25 -4.60 19.57
C PRO A 572 31.25 -3.50 19.11
N VAL A 573 31.33 -2.30 19.69
CA VAL A 573 30.47 -1.13 19.31
C VAL A 573 31.22 -0.28 18.26
N GLY A 574 30.58 -0.03 17.11
CA GLY A 574 31.16 0.69 15.94
C GLY A 574 30.35 0.50 14.66
N ASP A 575 30.93 0.90 13.51
CA ASP A 575 30.28 0.86 12.17
C ASP A 575 30.10 -0.61 11.74
N PRO A 576 28.94 -1.02 11.15
CA PRO A 576 28.71 -2.42 10.74
C PRO A 576 29.75 -3.03 9.78
N MET A 577 30.22 -2.26 8.79
CA MET A 577 31.24 -2.70 7.78
C MET A 577 32.55 -3.04 8.51
N ASP A 578 32.96 -2.21 9.47
CA ASP A 578 34.17 -2.42 10.33
C ASP A 578 33.99 -3.70 11.16
N LEU A 579 32.83 -3.85 11.81
CA LEU A 579 32.41 -5.12 12.50
C LEU A 579 32.49 -6.30 11.53
N LYS A 580 31.95 -6.16 10.30
CA LYS A 580 31.85 -7.26 9.30
C LYS A 580 33.26 -7.77 8.94
N MET A 581 34.19 -6.86 8.61
CA MET A 581 35.64 -7.14 8.36
C MET A 581 36.21 -8.01 9.49
N VAL A 582 36.07 -7.56 10.75
CA VAL A 582 36.59 -8.24 11.97
C VAL A 582 35.92 -9.62 12.11
N GLU A 583 34.58 -9.69 12.00
CA GLU A 583 33.77 -10.93 12.08
C GLU A 583 34.23 -11.94 11.01
N SER A 584 34.32 -11.50 9.75
CA SER A 584 34.65 -12.31 8.55
C SER A 584 36.00 -13.02 8.69
N THR A 585 37.02 -12.33 9.24
CA THR A 585 38.34 -12.93 9.58
C THR A 585 38.18 -14.01 10.66
N GLY A 586 37.35 -13.77 11.69
CA GLY A 586 37.18 -14.65 12.87
C GLY A 586 38.13 -14.35 14.03
N TRP A 587 39.07 -13.40 13.89
CA TRP A 587 39.92 -12.86 15.01
C TRP A 587 39.04 -12.12 16.02
N VAL A 588 39.35 -12.24 17.32
CA VAL A 588 38.59 -11.63 18.47
C VAL A 588 39.48 -10.56 19.13
N LEU A 589 38.90 -9.39 19.42
CA LEU A 589 39.58 -8.22 20.05
C LEU A 589 39.28 -8.21 21.56
N GLU A 590 40.30 -8.46 22.40
CA GLU A 590 40.26 -8.31 23.89
C GLU A 590 41.64 -7.88 24.40
N GLY A 600 50.53 -3.80 27.78
CA GLY A 600 51.60 -2.79 27.76
C GLY A 600 51.14 -1.41 28.20
N THR A 601 52.08 -0.44 28.24
CA THR A 601 51.87 0.96 28.74
C THR A 601 50.90 1.70 27.82
N GLN A 602 51.13 1.67 26.51
CA GLN A 602 50.32 2.36 25.45
C GLN A 602 49.58 1.35 24.54
N VAL A 603 49.50 0.06 24.91
CA VAL A 603 48.73 -0.99 24.15
C VAL A 603 47.23 -0.65 24.27
N LEU A 604 46.53 -0.59 23.13
CA LEU A 604 45.09 -0.25 22.99
C LEU A 604 44.39 -1.32 22.15
N ALA A 605 43.30 -1.92 22.66
CA ALA A 605 42.34 -2.79 21.92
C ALA A 605 43.07 -3.99 21.29
N VAL A 606 43.57 -4.89 22.15
CA VAL A 606 44.56 -5.96 21.78
C VAL A 606 43.81 -7.00 20.95
N MET A 607 44.39 -7.45 19.83
CA MET A 607 43.75 -8.35 18.82
C MET A 607 44.32 -9.77 18.95
N ARG A 608 43.44 -10.79 19.04
CA ARG A 608 43.76 -12.23 19.28
C ARG A 608 43.04 -13.11 18.24
N PRO A 609 43.43 -14.41 18.03
CA PRO A 609 42.90 -15.24 16.93
C PRO A 609 41.54 -15.91 17.18
N PRO A 610 40.94 -16.66 16.21
CA PRO A 610 39.75 -17.47 16.46
C PRO A 610 39.85 -18.63 17.48
N LEU A 611 41.05 -18.97 17.99
CA LEU A 611 41.37 -20.01 19.02
C LEU A 611 41.37 -21.44 18.41
N TRP A 612 41.45 -21.57 17.07
CA TRP A 612 41.86 -22.79 16.32
C TRP A 612 43.14 -22.47 15.55
N GLU A 613 44.16 -23.33 15.62
CA GLU A 613 45.44 -23.23 14.85
C GLU A 613 45.52 -24.40 13.86
N PRO A 614 45.73 -24.18 12.52
CA PRO A 614 45.98 -25.28 11.59
C PRO A 614 47.35 -25.95 11.81
N PRO A 622 48.90 -18.96 12.42
CA PRO A 622 49.63 -18.25 13.47
C PRO A 622 48.69 -17.52 14.44
N PRO A 623 48.72 -17.78 15.78
CA PRO A 623 47.97 -16.98 16.76
C PRO A 623 48.39 -15.49 16.77
N VAL A 624 49.70 -15.24 16.90
CA VAL A 624 50.44 -13.93 16.81
C VAL A 624 49.60 -12.74 17.32
N PRO A 625 49.15 -12.76 18.61
CA PRO A 625 48.24 -11.73 19.12
C PRO A 625 48.95 -10.37 19.24
N VAL A 626 48.35 -9.31 18.67
CA VAL A 626 49.02 -8.04 18.22
C VAL A 626 48.36 -6.85 18.94
N SER A 627 49.17 -5.81 19.19
CA SER A 627 48.77 -4.51 19.82
C SER A 627 48.78 -3.40 18.76
N VAL A 628 47.80 -2.49 18.84
CA VAL A 628 47.63 -1.29 17.95
C VAL A 628 48.40 -0.13 18.61
N LEU A 629 49.58 0.22 18.07
CA LEU A 629 50.50 1.29 18.59
C LEU A 629 49.79 2.66 18.50
N HIS A 630 49.23 3.00 17.32
CA HIS A 630 48.59 4.31 17.01
C HIS A 630 47.32 4.11 16.16
N ARG A 631 46.42 5.09 16.19
CA ARG A 631 45.10 5.10 15.47
C ARG A 631 44.79 6.54 15.00
N PHE A 632 44.43 6.72 13.72
CA PHE A 632 44.10 8.00 13.06
C PHE A 632 42.76 7.89 12.31
N PRO A 633 41.80 8.84 12.48
CA PRO A 633 40.42 8.67 11.99
C PRO A 633 40.18 8.93 10.50
N PHE A 634 39.05 8.40 9.98
CA PHE A 634 38.55 8.58 8.59
C PHE A 634 37.84 9.96 8.49
N SER A 635 38.63 11.03 8.39
CA SER A 635 38.13 12.41 8.07
C SER A 635 37.60 12.41 6.63
N SER A 636 36.39 12.94 6.44
CA SER A 636 35.59 12.85 5.18
C SER A 636 36.33 13.48 4.00
N ALA A 637 36.95 14.66 4.22
CA ALA A 637 37.84 15.35 3.24
C ALA A 637 39.04 14.46 2.90
N LEU A 638 39.71 13.90 3.92
CA LEU A 638 40.96 13.09 3.77
C LEU A 638 40.66 11.76 3.05
N GLN A 639 39.54 11.08 3.40
CA GLN A 639 39.08 9.77 2.84
C GLN A 639 40.10 8.67 3.17
N ARG A 640 40.66 8.68 4.39
CA ARG A 640 41.75 7.76 4.86
C ARG A 640 41.78 7.69 6.40
N MET A 641 41.90 6.48 6.96
CA MET A 641 42.12 6.20 8.41
C MET A 641 43.39 5.34 8.56
N SER A 642 44.27 5.65 9.52
CA SER A 642 45.60 5.00 9.68
C SER A 642 45.75 4.37 11.08
N VAL A 643 45.95 3.03 11.13
CA VAL A 643 46.24 2.25 12.38
C VAL A 643 47.69 1.74 12.28
N VAL A 644 48.57 2.24 13.17
CA VAL A 644 49.96 1.73 13.38
C VAL A 644 49.86 0.56 14.36
N VAL A 645 50.32 -0.65 13.96
CA VAL A 645 50.19 -1.93 14.72
C VAL A 645 51.57 -2.61 14.78
N ALA A 646 51.87 -3.25 15.93
CA ALA A 646 53.12 -3.99 16.23
C ALA A 646 52.78 -5.37 16.80
N TRP A 647 53.30 -6.44 16.18
CA TRP A 647 53.06 -7.87 16.52
C TRP A 647 54.14 -8.28 17.53
N PRO A 648 53.95 -9.34 18.37
CA PRO A 648 54.78 -9.55 19.56
C PRO A 648 56.11 -10.30 19.27
N GLY A 649 56.91 -9.77 18.34
CA GLY A 649 58.14 -10.39 17.80
C GLY A 649 59.39 -9.52 17.94
N ALA A 650 59.36 -8.46 18.77
CA ALA A 650 60.46 -7.47 18.97
C ALA A 650 60.93 -6.91 17.61
N THR A 651 59.98 -6.44 16.80
CA THR A 651 60.11 -6.09 15.35
C THR A 651 59.69 -4.63 15.09
N GLN A 652 60.04 -4.13 13.90
CA GLN A 652 59.62 -2.79 13.37
C GLN A 652 58.09 -2.80 13.21
N PRO A 653 57.32 -1.83 13.79
CA PRO A 653 55.88 -1.70 13.49
C PRO A 653 55.57 -1.33 12.04
N GLU A 654 54.37 -1.71 11.57
CA GLU A 654 53.83 -1.37 10.21
C GLU A 654 52.57 -0.50 10.39
N ALA A 655 52.50 0.62 9.66
CA ALA A 655 51.37 1.58 9.63
C ALA A 655 50.44 1.19 8.48
N TYR A 656 49.21 0.75 8.80
CA TYR A 656 48.15 0.37 7.82
C TYR A 656 47.17 1.54 7.65
N VAL A 657 47.10 2.13 6.45
CA VAL A 657 46.17 3.24 6.07
C VAL A 657 45.08 2.67 5.16
N LYS A 658 43.82 2.66 5.63
CA LYS A 658 42.61 2.20 4.88
C LYS A 658 41.84 3.44 4.38
N GLY A 659 41.64 3.54 3.07
CA GLY A 659 41.10 4.74 2.39
C GLY A 659 40.33 4.42 1.12
N SER A 660 39.79 5.47 0.47
CA SER A 660 39.17 5.37 -0.88
C SER A 660 40.27 4.99 -1.89
N PRO A 661 40.07 3.99 -2.80
CA PRO A 661 41.18 3.38 -3.54
C PRO A 661 42.03 4.34 -4.38
N GLU A 662 41.38 5.32 -5.05
CA GLU A 662 42.03 6.47 -5.77
C GLU A 662 42.92 7.28 -4.81
N LEU A 663 42.44 7.65 -3.60
CA LEU A 663 43.24 8.42 -2.60
C LEU A 663 44.42 7.55 -2.12
N VAL A 664 44.16 6.28 -1.80
CA VAL A 664 45.20 5.25 -1.43
C VAL A 664 46.23 5.15 -2.58
N ALA A 665 45.79 5.11 -3.85
CA ALA A 665 46.67 5.04 -5.06
C ALA A 665 47.51 6.33 -5.16
N GLY A 666 46.89 7.50 -4.99
CA GLY A 666 47.55 8.83 -4.96
C GLY A 666 48.64 8.91 -3.89
N LEU A 667 48.32 8.50 -2.67
CA LEU A 667 49.28 8.36 -1.53
C LEU A 667 50.35 7.29 -1.85
N CYS A 668 49.95 6.14 -2.41
CA CYS A 668 50.82 4.96 -2.69
C CYS A 668 51.89 5.30 -3.75
N ASN A 669 53.03 4.60 -3.70
CA ASN A 669 54.20 4.84 -4.58
C ASN A 669 53.86 4.32 -5.98
N PRO A 670 54.22 5.03 -7.10
CA PRO A 670 53.80 4.64 -8.45
C PRO A 670 54.22 3.22 -8.88
N GLU A 671 55.36 2.73 -8.38
CA GLU A 671 55.88 1.34 -8.57
C GLU A 671 54.91 0.36 -7.90
N THR A 672 54.41 0.68 -6.70
CA THR A 672 53.40 -0.13 -5.96
C THR A 672 52.07 -0.12 -6.75
N VAL A 673 51.68 1.05 -7.28
CA VAL A 673 50.38 1.28 -7.99
C VAL A 673 50.43 0.55 -9.35
N PRO A 674 49.41 -0.26 -9.76
CA PRO A 674 49.30 -0.79 -11.12
C PRO A 674 48.46 0.04 -12.11
N THR A 675 48.81 0.00 -13.40
CA THR A 675 48.03 0.63 -14.53
C THR A 675 46.61 0.06 -14.58
N ASP A 676 46.47 -1.26 -14.43
CA ASP A 676 45.18 -2.01 -14.40
C ASP A 676 44.28 -1.63 -13.20
N PHE A 677 44.80 -0.97 -12.13
CA PHE A 677 44.04 -0.58 -10.91
C PHE A 677 42.73 0.16 -11.27
N ALA A 678 42.81 1.17 -12.15
CA ALA A 678 41.68 1.96 -12.69
C ALA A 678 40.60 1.03 -13.26
N GLN A 679 41.00 0.04 -14.07
CA GLN A 679 40.09 -0.92 -14.77
C GLN A 679 39.46 -1.86 -13.73
N MET A 680 40.28 -2.41 -12.80
CA MET A 680 39.85 -3.31 -11.69
C MET A 680 38.82 -2.59 -10.80
N LEU A 681 39.15 -1.36 -10.35
CA LEU A 681 38.26 -0.43 -9.58
C LEU A 681 36.94 -0.23 -10.33
N GLN A 682 37.02 0.20 -11.60
CA GLN A 682 35.87 0.46 -12.52
C GLN A 682 34.99 -0.81 -12.59
N SER A 683 35.59 -1.96 -12.88
CA SER A 683 34.93 -3.29 -13.00
C SER A 683 34.18 -3.64 -11.70
N TYR A 684 34.84 -3.50 -10.55
CA TYR A 684 34.24 -3.79 -9.21
C TYR A 684 33.12 -2.79 -8.89
N THR A 685 33.31 -1.49 -9.18
CA THR A 685 32.25 -0.42 -9.05
C THR A 685 31.04 -0.78 -9.94
N ALA A 686 31.27 -1.13 -11.21
CA ALA A 686 30.25 -1.56 -12.20
C ALA A 686 29.51 -2.83 -11.72
N ALA A 687 30.25 -3.81 -11.19
CA ALA A 687 29.71 -5.03 -10.51
C ALA A 687 28.91 -4.70 -9.24
N GLY A 688 29.00 -3.49 -8.67
CA GLY A 688 28.32 -3.06 -7.43
C GLY A 688 29.08 -3.48 -6.18
N TYR A 689 30.36 -3.88 -6.32
CA TYR A 689 31.25 -4.30 -5.21
C TYR A 689 31.91 -3.01 -4.71
N ARG A 690 31.61 -2.59 -3.48
CA ARG A 690 32.22 -1.42 -2.79
C ARG A 690 33.72 -1.69 -2.63
N VAL A 691 34.57 -0.82 -3.16
CA VAL A 691 36.06 -0.96 -3.23
C VAL A 691 36.65 -0.01 -2.16
N VAL A 692 37.29 -0.56 -1.12
CA VAL A 692 37.95 0.21 0.00
C VAL A 692 39.35 -0.38 0.21
N ALA A 693 40.41 0.41 -0.07
CA ALA A 693 41.81 -0.06 -0.22
C ALA A 693 42.59 0.19 1.08
N LEU A 694 43.40 -0.80 1.50
CA LEU A 694 44.25 -0.79 2.72
C LEU A 694 45.73 -0.93 2.28
N ALA A 695 46.57 0.04 2.65
CA ALA A 695 48.01 0.15 2.30
C ALA A 695 48.87 0.04 3.55
N SER A 696 50.11 -0.46 3.41
CA SER A 696 51.10 -0.73 4.49
C SER A 696 52.37 0.11 4.27
N LYS A 697 52.86 0.77 5.34
CA LYS A 697 54.17 1.46 5.43
C LYS A 697 54.98 0.78 6.53
N PRO A 698 56.15 0.11 6.26
CA PRO A 698 57.07 -0.34 7.31
C PRO A 698 57.68 0.87 8.02
N LEU A 699 57.59 0.92 9.37
CA LEU A 699 57.91 2.10 10.22
C LEU A 699 59.08 1.76 11.14
N PRO A 700 60.24 2.49 11.09
CA PRO A 700 61.35 2.30 12.04
C PRO A 700 61.15 3.12 13.33
N THR A 701 60.18 2.69 14.15
CA THR A 701 59.74 3.32 15.43
C THR A 701 59.86 2.31 16.57
N VAL A 702 60.57 2.68 17.66
CA VAL A 702 60.64 1.90 18.95
C VAL A 702 59.20 1.69 19.47
N PRO A 703 58.74 0.43 19.70
CA PRO A 703 57.37 0.18 20.17
C PRO A 703 57.12 0.59 21.63
N SER A 704 55.86 0.89 21.95
CA SER A 704 55.32 1.29 23.29
C SER A 704 55.85 2.67 23.76
N LEU A 705 56.34 3.54 22.85
CA LEU A 705 56.75 4.95 23.13
C LEU A 705 55.80 5.90 22.37
N GLU A 706 55.15 6.81 23.11
CA GLU A 706 54.05 7.69 22.61
C GLU A 706 54.69 8.70 21.64
N ALA A 707 55.86 9.25 22.00
CA ALA A 707 56.75 10.11 21.16
C ALA A 707 57.02 9.46 19.79
N ALA A 708 57.35 8.17 19.77
CA ALA A 708 57.69 7.40 18.54
C ALA A 708 56.43 7.24 17.69
N GLN A 709 55.29 6.87 18.32
CA GLN A 709 53.96 6.71 17.69
C GLN A 709 53.46 8.05 17.09
N GLN A 710 53.60 9.15 17.83
CA GLN A 710 53.17 10.54 17.46
C GLN A 710 53.88 11.00 16.18
N LEU A 711 53.12 11.44 15.17
CA LEU A 711 53.60 12.11 13.92
C LEU A 711 52.46 12.94 13.30
N THR A 712 52.74 13.67 12.21
CA THR A 712 51.71 14.45 11.44
C THR A 712 50.89 13.43 10.65
N ARG A 713 49.56 13.59 10.67
CA ARG A 713 48.54 12.69 10.03
C ARG A 713 48.87 12.51 8.54
N ASP A 714 49.13 13.63 7.84
CA ASP A 714 49.52 13.67 6.41
C ASP A 714 50.88 12.99 6.18
N THR A 715 51.87 13.21 7.06
CA THR A 715 53.27 12.68 6.92
C THR A 715 53.26 11.15 7.11
N VAL A 716 52.55 10.64 8.12
CA VAL A 716 52.32 9.17 8.38
C VAL A 716 51.69 8.53 7.13
N GLU A 717 50.65 9.14 6.55
CA GLU A 717 49.86 8.58 5.42
C GLU A 717 50.48 8.92 4.04
N GLY A 718 51.53 9.77 3.97
CA GLY A 718 52.03 10.44 2.74
C GLY A 718 52.42 9.48 1.62
N ASP A 719 53.24 8.46 1.91
CA ASP A 719 53.76 7.47 0.93
C ASP A 719 53.76 6.06 1.56
N LEU A 720 53.14 5.08 0.87
CA LEU A 720 52.93 3.68 1.36
C LEU A 720 52.97 2.69 0.17
N SER A 721 52.86 1.40 0.48
CA SER A 721 52.67 0.26 -0.47
C SER A 721 51.27 -0.33 -0.29
N LEU A 722 50.49 -0.45 -1.37
CA LEU A 722 49.06 -0.91 -1.32
C LEU A 722 49.05 -2.41 -0.97
N LEU A 723 48.51 -2.75 0.21
CA LEU A 723 48.58 -4.10 0.82
C LEU A 723 47.47 -4.93 0.17
N GLY A 724 46.26 -4.38 0.06
CA GLY A 724 45.16 -4.93 -0.78
C GLY A 724 43.95 -4.02 -0.88
N LEU A 725 42.97 -4.39 -1.72
CA LEU A 725 41.59 -3.78 -1.73
C LEU A 725 40.60 -4.74 -1.07
N LEU A 726 39.52 -4.18 -0.53
CA LEU A 726 38.41 -4.88 0.19
C LEU A 726 37.11 -4.62 -0.60
N VAL A 727 36.38 -5.70 -0.93
CA VAL A 727 35.19 -5.71 -1.85
C VAL A 727 33.97 -6.19 -1.04
N MET A 728 32.89 -5.37 -1.02
CA MET A 728 31.64 -5.57 -0.20
C MET A 728 30.40 -5.24 -1.04
N ARG A 729 29.37 -6.10 -0.97
CA ARG A 729 28.11 -5.99 -1.78
C ARG A 729 26.93 -6.64 -1.02
N ASN A 730 25.70 -6.31 -1.42
CA ASN A 730 24.46 -6.95 -0.91
C ASN A 730 24.35 -8.32 -1.60
N LEU A 731 23.80 -9.34 -0.93
CA LEU A 731 23.85 -10.78 -1.36
C LEU A 731 22.48 -11.24 -1.91
N LEU A 732 21.68 -10.34 -2.51
CA LEU A 732 20.25 -10.54 -2.85
C LEU A 732 19.56 -11.12 -1.59
N LYS A 733 18.84 -12.25 -1.64
CA LYS A 733 18.45 -13.09 -0.47
C LYS A 733 18.40 -14.56 -0.89
N PRO A 734 18.30 -15.54 0.07
CA PRO A 734 18.10 -16.96 -0.27
C PRO A 734 16.87 -17.25 -1.15
N GLN A 735 15.74 -16.59 -0.87
CA GLN A 735 14.39 -16.88 -1.43
C GLN A 735 14.00 -15.85 -2.51
N THR A 736 14.83 -14.84 -2.83
CA THR A 736 14.47 -13.70 -3.72
C THR A 736 14.35 -14.19 -5.16
N THR A 737 15.38 -14.89 -5.67
CA THR A 737 15.45 -15.43 -7.05
C THR A 737 14.25 -16.35 -7.32
N PRO A 738 13.95 -17.40 -6.50
CA PRO A 738 12.76 -18.24 -6.67
C PRO A 738 11.39 -17.54 -6.87
N VAL A 739 11.05 -16.56 -6.01
CA VAL A 739 9.71 -15.86 -5.99
C VAL A 739 9.54 -15.14 -7.34
N ILE A 740 10.55 -14.39 -7.78
CA ILE A 740 10.55 -13.58 -9.05
C ILE A 740 10.31 -14.53 -10.26
N GLN A 741 10.97 -15.70 -10.31
CA GLN A 741 10.76 -16.73 -11.37
C GLN A 741 9.27 -17.11 -11.44
N ALA A 742 8.65 -17.40 -10.28
CA ALA A 742 7.23 -17.82 -10.14
C ALA A 742 6.30 -16.73 -10.68
N LEU A 743 6.48 -15.47 -10.22
CA LEU A 743 5.75 -14.27 -10.72
C LEU A 743 5.90 -14.15 -12.24
N ARG A 744 7.13 -14.30 -12.77
CA ARG A 744 7.43 -14.15 -14.22
C ARG A 744 6.76 -15.30 -15.01
N ARG A 745 6.87 -16.56 -14.52
CA ARG A 745 6.19 -17.78 -15.05
C ARG A 745 4.66 -17.57 -15.08
N THR A 746 4.07 -17.04 -13.99
CA THR A 746 2.62 -16.67 -13.89
C THR A 746 2.25 -15.52 -14.87
N ARG A 747 3.23 -14.76 -15.41
CA ARG A 747 3.09 -13.57 -16.30
C ARG A 747 2.76 -12.31 -15.48
N ILE A 748 2.82 -12.33 -14.12
CA ILE A 748 2.76 -11.10 -13.27
C ILE A 748 4.12 -10.40 -13.44
N ARG A 749 4.10 -9.09 -13.76
CA ARG A 749 5.31 -8.28 -14.05
C ARG A 749 5.89 -7.76 -12.72
N ALA A 750 7.21 -7.52 -12.69
CA ALA A 750 8.00 -7.07 -11.51
C ALA A 750 8.81 -5.83 -11.89
N VAL A 751 8.58 -4.69 -11.21
CA VAL A 751 9.22 -3.37 -11.46
C VAL A 751 10.06 -3.01 -10.23
N MET A 752 11.39 -3.00 -10.34
CA MET A 752 12.32 -2.59 -9.25
C MET A 752 12.28 -1.06 -9.13
N VAL A 753 11.59 -0.53 -8.12
CA VAL A 753 11.60 0.93 -7.74
C VAL A 753 12.60 1.04 -6.58
N THR A 754 13.75 1.69 -6.78
CA THR A 754 14.80 1.92 -5.75
C THR A 754 15.13 3.42 -5.64
N GLY A 755 15.53 3.87 -4.45
CA GLY A 755 16.18 5.18 -4.26
C GLY A 755 17.70 5.15 -4.43
N ASP A 756 18.28 4.11 -5.03
CA ASP A 756 19.76 3.86 -5.10
C ASP A 756 20.26 4.15 -6.52
N ASN A 757 21.59 4.04 -6.73
CA ASN A 757 22.31 4.25 -8.03
C ASN A 757 21.80 3.23 -9.07
N LEU A 758 21.64 3.68 -10.33
CA LEU A 758 21.08 2.88 -11.47
C LEU A 758 21.97 1.67 -11.78
N GLN A 759 23.31 1.84 -11.73
CA GLN A 759 24.30 0.75 -12.01
C GLN A 759 24.05 -0.44 -11.06
N THR A 760 23.87 -0.18 -9.75
CA THR A 760 23.51 -1.19 -8.70
C THR A 760 22.20 -1.88 -9.09
N ALA A 761 21.15 -1.10 -9.37
CA ALA A 761 19.79 -1.57 -9.76
C ALA A 761 19.88 -2.53 -10.97
N VAL A 762 20.67 -2.17 -12.00
CA VAL A 762 20.88 -2.98 -13.25
C VAL A 762 21.42 -4.37 -12.85
N THR A 763 22.48 -4.44 -12.03
CA THR A 763 23.17 -5.72 -11.68
C THR A 763 22.24 -6.56 -10.78
N VAL A 764 21.60 -5.96 -9.75
CA VAL A 764 20.67 -6.70 -8.84
C VAL A 764 19.47 -7.24 -9.63
N ALA A 765 18.89 -6.45 -10.55
CA ALA A 765 17.73 -6.85 -11.40
C ALA A 765 18.09 -8.07 -12.26
N ARG A 766 19.29 -8.06 -12.86
CA ARG A 766 19.86 -9.19 -13.67
C ARG A 766 19.98 -10.45 -12.80
N GLY A 767 20.58 -10.33 -11.60
CA GLY A 767 20.67 -11.39 -10.57
C GLY A 767 19.28 -11.89 -10.14
N CYS A 768 18.36 -10.97 -9.86
CA CYS A 768 16.93 -11.21 -9.45
C CYS A 768 16.21 -12.11 -10.47
N GLY A 769 16.43 -11.89 -11.77
CA GLY A 769 15.70 -12.53 -12.89
C GLY A 769 14.52 -11.70 -13.40
N MET A 770 14.36 -10.45 -12.94
CA MET A 770 13.49 -9.40 -13.56
C MET A 770 13.90 -9.20 -15.03
N VAL A 771 15.20 -9.13 -15.30
CA VAL A 771 15.83 -9.11 -16.66
C VAL A 771 16.66 -10.40 -16.77
N ALA A 772 16.17 -11.40 -17.53
CA ALA A 772 16.85 -12.70 -17.78
C ALA A 772 18.02 -12.51 -18.74
N PRO A 773 19.01 -13.45 -18.80
CA PRO A 773 20.21 -13.33 -19.66
C PRO A 773 19.92 -13.05 -21.15
N GLN A 774 18.92 -13.75 -21.71
CA GLN A 774 18.39 -13.56 -23.09
C GLN A 774 17.79 -12.15 -23.22
N GLU A 775 17.06 -11.67 -22.18
CA GLU A 775 16.31 -10.37 -22.21
C GLU A 775 17.31 -9.21 -22.33
N HIS A 776 16.97 -8.20 -23.16
CA HIS A 776 17.81 -7.03 -23.52
C HIS A 776 17.30 -5.80 -22.74
N LEU A 777 18.19 -5.09 -22.05
CA LEU A 777 17.90 -3.91 -21.19
C LEU A 777 18.45 -2.64 -21.85
N ILE A 778 17.59 -1.62 -22.01
CA ILE A 778 17.93 -0.28 -22.60
C ILE A 778 17.90 0.76 -21.47
N ILE A 779 18.93 1.61 -21.36
CA ILE A 779 19.03 2.72 -20.35
C ILE A 779 18.49 3.99 -21.03
N VAL A 780 17.44 4.60 -20.46
CA VAL A 780 16.73 5.80 -21.01
C VAL A 780 17.12 7.02 -20.15
N HIS A 781 17.80 8.02 -20.74
CA HIS A 781 18.20 9.32 -20.11
C HIS A 781 17.57 10.49 -20.88
N ALA A 782 16.88 11.40 -20.18
CA ALA A 782 16.27 12.64 -20.72
C ALA A 782 17.06 13.85 -20.19
N THR A 783 17.68 14.64 -21.07
CA THR A 783 18.47 15.88 -20.75
C THR A 783 17.49 17.07 -20.69
N HIS A 784 17.38 17.72 -19.52
CA HIS A 784 16.52 18.92 -19.26
C HIS A 784 16.96 20.12 -20.11
N PRO A 785 16.05 21.07 -20.49
CA PRO A 785 16.37 22.17 -21.41
C PRO A 785 16.91 23.44 -20.73
N GLU A 786 18.06 23.34 -20.06
CA GLU A 786 18.70 24.45 -19.28
C GLU A 786 19.19 25.56 -20.22
N ARG A 787 19.73 25.22 -21.41
CA ARG A 787 20.20 26.19 -22.44
C ARG A 787 19.01 26.79 -23.22
N GLY A 788 17.75 26.33 -23.06
CA GLY A 788 16.56 26.87 -23.74
C GLY A 788 16.17 26.04 -24.96
N GLN A 789 17.13 25.37 -25.60
CA GLN A 789 16.91 24.24 -26.57
C GLN A 789 16.09 23.16 -25.87
N PRO A 790 14.94 22.69 -26.43
CA PRO A 790 14.03 21.76 -25.73
C PRO A 790 14.61 20.36 -25.45
N ALA A 791 14.07 19.70 -24.44
CA ALA A 791 14.62 18.48 -23.77
C ALA A 791 14.79 17.34 -24.78
N SER A 792 15.93 16.63 -24.72
CA SER A 792 16.35 15.56 -25.67
C SER A 792 16.29 14.19 -24.98
N LEU A 793 15.44 13.28 -25.48
CA LEU A 793 15.35 11.87 -25.00
C LEU A 793 16.47 11.05 -25.64
N GLU A 794 17.37 10.47 -24.83
CA GLU A 794 18.52 9.61 -25.25
C GLU A 794 18.29 8.18 -24.74
N PHE A 795 18.50 7.21 -25.63
CA PHE A 795 18.28 5.75 -25.41
C PHE A 795 19.62 5.05 -25.70
N LEU A 796 20.23 4.41 -24.70
CA LEU A 796 21.55 3.71 -24.78
C LEU A 796 21.38 2.26 -24.33
N PRO A 797 21.69 1.23 -25.16
CA PRO A 797 21.58 -0.17 -24.74
C PRO A 797 22.73 -0.63 -23.83
N MET A 798 22.48 -1.66 -23.01
CA MET A 798 23.47 -2.39 -22.16
C MET A 798 23.69 -3.79 -22.73
N GLU A 799 24.95 -4.25 -22.76
CA GLU A 799 25.40 -5.53 -23.38
C GLU A 799 25.67 -6.56 -22.26
N SER A 800 25.10 -7.78 -22.39
CA SER A 800 25.29 -8.95 -21.50
C SER A 800 25.57 -10.20 -22.35
N PRO A 801 26.48 -11.13 -21.94
CA PRO A 801 26.65 -12.42 -22.62
C PRO A 801 25.51 -13.40 -22.26
N SER A 824 11.11 -9.90 -24.95
CA SER A 824 10.58 -8.93 -23.95
C SER A 824 11.63 -7.82 -23.68
N ARG A 825 11.89 -6.99 -24.70
CA ARG A 825 12.74 -5.76 -24.64
C ARG A 825 12.14 -4.82 -23.59
N HIS A 826 12.93 -4.39 -22.59
CA HIS A 826 12.48 -3.57 -21.42
C HIS A 826 13.50 -2.49 -21.05
N LEU A 827 13.05 -1.48 -20.30
CA LEU A 827 13.74 -0.16 -20.13
C LEU A 827 14.14 0.05 -18.65
N ALA A 828 15.28 0.75 -18.44
CA ALA A 828 15.82 1.17 -17.13
C ALA A 828 15.95 2.71 -17.09
N LEU A 829 15.49 3.35 -16.00
CA LEU A 829 15.31 4.82 -15.88
C LEU A 829 15.88 5.33 -14.54
N SER A 830 16.17 6.65 -14.48
CA SER A 830 16.46 7.43 -13.25
C SER A 830 15.31 8.42 -12.97
N GLY A 831 15.11 8.77 -11.68
CA GLY A 831 14.16 9.79 -11.18
C GLY A 831 14.20 11.12 -11.93
N PRO A 832 15.40 11.76 -12.11
CA PRO A 832 15.53 12.97 -12.95
C PRO A 832 14.94 12.79 -14.36
N THR A 833 15.28 11.69 -15.04
CA THR A 833 14.73 11.25 -16.35
C THR A 833 13.19 11.15 -16.25
N PHE A 834 12.68 10.46 -15.21
CA PHE A 834 11.23 10.25 -14.94
C PHE A 834 10.51 11.60 -14.85
N GLY A 835 11.08 12.55 -14.07
CA GLY A 835 10.66 13.96 -14.00
C GLY A 835 10.59 14.64 -15.36
N ILE A 836 11.63 14.49 -16.19
CA ILE A 836 11.69 15.11 -17.55
C ILE A 836 10.64 14.42 -18.45
N ILE A 837 10.48 13.08 -18.38
CA ILE A 837 9.44 12.34 -19.17
C ILE A 837 8.03 12.75 -18.69
N VAL A 838 7.79 12.89 -17.37
CA VAL A 838 6.43 13.17 -16.80
C VAL A 838 5.96 14.59 -17.16
N LYS A 839 6.88 15.56 -17.40
CA LYS A 839 6.55 16.94 -17.85
C LYS A 839 6.77 17.10 -19.36
N HIS A 840 7.97 16.80 -19.87
CA HIS A 840 8.46 17.15 -21.24
C HIS A 840 8.26 16.04 -22.28
N PHE A 841 7.79 14.83 -21.93
CA PHE A 841 7.38 13.77 -22.92
C PHE A 841 6.06 13.10 -22.51
N PRO A 842 4.92 13.85 -22.39
CA PRO A 842 3.66 13.29 -21.87
C PRO A 842 3.04 12.16 -22.73
N LYS A 843 3.14 12.28 -24.06
CA LYS A 843 2.72 11.23 -25.04
C LYS A 843 3.58 9.97 -24.88
N LEU A 844 4.88 10.10 -24.56
CA LEU A 844 5.82 8.94 -24.46
C LEU A 844 5.77 8.27 -23.08
N LEU A 845 5.30 8.93 -22.01
CA LEU A 845 5.22 8.37 -20.62
C LEU A 845 4.50 7.02 -20.61
N PRO A 846 3.27 6.85 -21.18
CA PRO A 846 2.66 5.52 -21.34
C PRO A 846 3.57 4.43 -21.94
N LYS A 847 4.37 4.80 -22.95
CA LYS A 847 5.28 3.88 -23.70
C LYS A 847 6.43 3.45 -22.78
N VAL A 848 6.98 4.38 -21.95
CA VAL A 848 7.89 4.08 -20.78
C VAL A 848 7.19 3.07 -19.86
N LEU A 849 6.04 3.46 -19.28
CA LEU A 849 5.41 2.82 -18.09
C LEU A 849 5.07 1.34 -18.36
N VAL A 850 4.52 1.04 -19.54
CA VAL A 850 4.18 -0.35 -19.99
C VAL A 850 5.45 -1.18 -20.29
N GLN A 851 6.65 -0.59 -20.44
CA GLN A 851 7.90 -1.29 -20.85
C GLN A 851 9.09 -1.08 -19.87
N GLY A 852 8.92 -0.33 -18.76
CA GLY A 852 10.00 0.03 -17.82
C GLY A 852 10.04 -0.92 -16.63
N THR A 853 11.15 -1.65 -16.41
CA THR A 853 11.31 -2.71 -15.37
C THR A 853 12.23 -2.27 -14.21
N VAL A 854 13.03 -1.20 -14.34
CA VAL A 854 13.94 -0.69 -13.25
C VAL A 854 13.87 0.85 -13.24
N PHE A 855 13.39 1.42 -12.12
CA PHE A 855 13.32 2.86 -11.81
C PHE A 855 14.27 3.11 -10.63
N ALA A 856 15.34 3.89 -10.82
CA ALA A 856 16.43 4.09 -9.82
C ALA A 856 16.55 5.57 -9.44
N ARG A 857 17.10 5.83 -8.24
CA ARG A 857 17.28 7.19 -7.64
C ARG A 857 15.94 7.96 -7.67
N MET A 858 14.85 7.28 -7.33
CA MET A 858 13.45 7.79 -7.36
C MET A 858 13.16 8.43 -6.00
N ALA A 859 12.74 9.70 -5.98
CA ALA A 859 12.33 10.46 -4.78
C ALA A 859 11.10 9.79 -4.14
N PRO A 860 10.89 9.88 -2.80
CA PRO A 860 9.75 9.23 -2.13
C PRO A 860 8.38 9.66 -2.69
N GLU A 861 8.28 10.90 -3.20
CA GLU A 861 7.13 11.44 -3.98
C GLU A 861 7.01 10.68 -5.31
N GLN A 862 8.12 10.54 -6.05
CA GLN A 862 8.19 9.87 -7.38
C GLN A 862 7.76 8.39 -7.28
N LYS A 863 8.10 7.69 -6.18
CA LYS A 863 7.66 6.29 -5.91
C LYS A 863 6.12 6.19 -5.89
N THR A 864 5.44 7.12 -5.22
CA THR A 864 3.94 7.25 -5.22
C THR A 864 3.46 7.55 -6.65
N GLU A 865 4.15 8.46 -7.34
CA GLU A 865 3.74 8.97 -8.69
C GLU A 865 3.82 7.84 -9.71
N LEU A 866 4.89 7.01 -9.70
CA LEU A 866 5.03 5.77 -10.52
C LEU A 866 3.78 4.89 -10.33
N VAL A 867 3.41 4.61 -9.07
CA VAL A 867 2.22 3.77 -8.69
C VAL A 867 0.93 4.44 -9.22
N CYS A 868 0.80 5.77 -9.09
CA CYS A 868 -0.36 6.57 -9.60
C CYS A 868 -0.47 6.44 -11.13
N GLU A 869 0.62 6.67 -11.87
CA GLU A 869 0.62 6.63 -13.36
C GLU A 869 0.44 5.17 -13.85
N LEU A 870 1.08 4.17 -13.21
CA LEU A 870 0.82 2.72 -13.48
C LEU A 870 -0.69 2.42 -13.34
N GLN A 871 -1.33 2.84 -12.24
CA GLN A 871 -2.75 2.45 -11.97
C GLN A 871 -3.73 3.20 -12.90
N LYS A 872 -3.41 4.42 -13.37
CA LYS A 872 -4.21 5.13 -14.44
C LYS A 872 -4.13 4.39 -15.78
N LEU A 873 -3.04 3.63 -16.06
CA LEU A 873 -2.91 2.70 -17.22
C LEU A 873 -3.68 1.36 -17.00
N GLN A 874 -4.51 1.22 -15.94
CA GLN A 874 -5.44 0.09 -15.61
C GLN A 874 -4.68 -1.12 -15.00
N TYR A 875 -3.35 -1.06 -14.77
CA TYR A 875 -2.59 -2.06 -13.96
C TYR A 875 -3.09 -2.04 -12.51
N CYS A 876 -3.61 -3.15 -12.00
CA CYS A 876 -3.80 -3.39 -10.54
C CYS A 876 -2.40 -3.68 -9.95
N VAL A 877 -1.94 -2.84 -9.02
CA VAL A 877 -0.50 -2.71 -8.65
C VAL A 877 -0.33 -2.98 -7.15
N GLY A 878 0.73 -3.74 -6.79
CA GLY A 878 1.07 -4.14 -5.42
C GLY A 878 2.46 -3.69 -5.04
N MET A 879 2.66 -3.00 -3.89
CA MET A 879 3.98 -2.51 -3.41
C MET A 879 4.46 -3.37 -2.23
N CYS A 880 5.67 -3.93 -2.33
CA CYS A 880 6.39 -4.72 -1.29
C CYS A 880 7.66 -3.94 -0.92
N GLY A 881 7.76 -3.45 0.33
CA GLY A 881 8.87 -2.59 0.81
C GLY A 881 9.00 -2.51 2.32
N ASP A 882 10.22 -2.24 2.83
CA ASP A 882 10.54 -2.05 4.27
C ASP A 882 10.39 -0.57 4.70
N GLY A 883 10.04 0.36 3.79
CA GLY A 883 9.38 1.65 4.08
C GLY A 883 10.25 2.69 4.75
N ALA A 884 9.60 3.78 5.20
CA ALA A 884 10.16 5.12 5.55
C ALA A 884 10.46 5.98 4.31
N ASN A 885 10.67 5.39 3.12
CA ASN A 885 10.80 6.03 1.79
C ASN A 885 9.62 5.66 0.87
N ASP A 886 9.24 4.36 0.82
CA ASP A 886 8.14 3.80 -0.02
C ASP A 886 6.76 3.80 0.69
N CYS A 887 6.64 4.34 1.92
CA CYS A 887 5.38 4.47 2.73
C CYS A 887 4.21 5.04 1.90
N GLY A 888 4.48 6.12 1.15
CA GLY A 888 3.57 6.71 0.16
C GLY A 888 3.08 5.70 -0.86
N ALA A 889 4.00 4.93 -1.45
CA ALA A 889 3.71 3.87 -2.45
C ALA A 889 2.90 2.73 -1.81
N LEU A 890 3.26 2.30 -0.58
CA LEU A 890 2.55 1.25 0.21
C LEU A 890 1.05 1.60 0.34
N LYS A 891 0.69 2.84 0.69
CA LYS A 891 -0.73 3.28 0.74
C LYS A 891 -1.33 3.33 -0.67
N ALA A 892 -0.65 4.01 -1.61
CA ALA A 892 -1.11 4.29 -2.99
C ALA A 892 -1.45 2.99 -3.73
N ALA A 893 -0.55 1.99 -3.67
CA ALA A 893 -0.69 0.64 -4.28
C ALA A 893 -1.96 -0.05 -3.75
N ASP A 894 -2.68 -0.75 -4.65
CA ASP A 894 -4.00 -1.40 -4.36
C ASP A 894 -3.82 -2.40 -3.21
N VAL A 895 -2.77 -3.23 -3.29
CA VAL A 895 -2.27 -4.12 -2.20
C VAL A 895 -0.92 -3.56 -1.72
N GLY A 896 -0.81 -3.14 -0.44
CA GLY A 896 0.43 -2.64 0.17
C GLY A 896 0.97 -3.61 1.21
N ILE A 897 2.17 -4.17 1.00
CA ILE A 897 2.81 -5.16 1.93
C ILE A 897 4.03 -4.47 2.56
N SER A 898 4.00 -4.25 3.88
CA SER A 898 5.15 -3.77 4.70
C SER A 898 6.04 -4.96 5.04
N LEU A 899 7.36 -4.85 4.81
CA LEU A 899 8.37 -5.83 5.28
C LEU A 899 9.14 -5.31 6.51
N SER A 900 8.67 -4.26 7.21
CA SER A 900 9.21 -3.77 8.51
C SER A 900 8.07 -3.41 9.48
N GLN A 901 8.22 -3.73 10.77
CA GLN A 901 7.18 -3.51 11.82
C GLN A 901 7.12 -2.02 12.25
N ALA A 902 8.11 -1.18 11.90
CA ALA A 902 8.16 0.29 12.20
C ALA A 902 7.90 1.09 10.92
N GLU A 903 7.04 2.14 11.00
CA GLU A 903 6.77 3.17 9.95
C GLU A 903 5.95 2.57 8.80
N ALA A 904 6.52 1.61 8.05
CA ALA A 904 5.88 0.88 6.92
C ALA A 904 4.61 0.17 7.40
N SER A 905 4.71 -0.59 8.50
CA SER A 905 3.62 -1.36 9.18
C SER A 905 2.37 -0.49 9.39
N VAL A 906 2.55 0.74 9.90
CA VAL A 906 1.43 1.66 10.29
C VAL A 906 0.67 2.03 9.01
N VAL A 907 1.38 2.39 7.92
CA VAL A 907 0.76 2.85 6.64
C VAL A 907 0.22 1.68 5.80
N SER A 908 0.88 0.50 5.82
CA SER A 908 0.57 -0.63 4.89
C SER A 908 -0.72 -1.34 5.32
N PRO A 909 -1.65 -1.70 4.40
CA PRO A 909 -2.75 -2.63 4.72
C PRO A 909 -2.32 -4.04 5.17
N PHE A 910 -1.26 -4.61 4.56
CA PHE A 910 -0.69 -5.95 4.87
C PHE A 910 0.71 -5.78 5.46
N THR A 911 1.03 -6.41 6.60
CA THR A 911 2.38 -6.41 7.24
C THR A 911 2.83 -7.85 7.42
N SER A 912 3.95 -8.25 6.80
CA SER A 912 4.69 -9.51 7.07
C SER A 912 5.57 -9.35 8.32
N SER A 913 5.85 -10.45 9.02
CA SER A 913 6.98 -10.65 9.95
C SER A 913 8.05 -11.61 9.38
N MET A 914 7.84 -12.18 8.19
CA MET A 914 8.74 -13.19 7.54
C MET A 914 10.06 -12.55 7.08
N ALA A 915 10.06 -11.25 6.74
CA ALA A 915 11.22 -10.47 6.23
C ALA A 915 11.76 -11.10 4.93
N SER A 916 10.85 -11.41 4.00
CA SER A 916 11.17 -11.80 2.59
C SER A 916 10.04 -11.46 1.61
N ILE A 917 10.38 -11.34 0.33
CA ILE A 917 9.48 -11.34 -0.88
C ILE A 917 8.51 -12.55 -0.90
N GLU A 918 8.81 -13.69 -0.25
CA GLU A 918 7.97 -14.93 -0.21
C GLU A 918 6.52 -14.68 0.30
N CYS A 919 6.26 -13.60 1.06
CA CYS A 919 4.88 -13.12 1.41
C CYS A 919 4.02 -12.84 0.16
N VAL A 920 4.61 -12.23 -0.90
CA VAL A 920 3.87 -11.69 -2.09
C VAL A 920 3.06 -12.79 -2.78
N PRO A 921 3.62 -13.99 -3.16
CA PRO A 921 2.81 -15.09 -3.69
C PRO A 921 1.65 -15.58 -2.79
N MET A 922 1.85 -15.62 -1.47
CA MET A 922 0.84 -16.08 -0.48
C MET A 922 -0.39 -15.16 -0.53
N VAL A 923 -0.17 -13.83 -0.51
CA VAL A 923 -1.28 -12.83 -0.61
C VAL A 923 -1.95 -12.90 -2.01
N ILE A 924 -1.23 -13.20 -3.11
CA ILE A 924 -1.84 -13.42 -4.47
C ILE A 924 -2.78 -14.64 -4.37
N ARG A 925 -2.27 -15.79 -3.91
CA ARG A 925 -3.01 -17.08 -3.74
C ARG A 925 -4.30 -16.84 -2.92
N GLU A 926 -4.13 -16.26 -1.72
CA GLU A 926 -5.23 -15.98 -0.75
C GLU A 926 -6.27 -15.04 -1.36
N GLY A 927 -5.82 -14.01 -2.09
CA GLY A 927 -6.67 -13.13 -2.92
C GLY A 927 -7.45 -13.90 -3.98
N ARG A 928 -6.78 -14.78 -4.74
CA ARG A 928 -7.38 -15.54 -5.88
C ARG A 928 -8.51 -16.43 -5.35
N CYS A 929 -8.28 -17.14 -4.24
CA CYS A 929 -9.30 -17.91 -3.47
C CYS A 929 -10.45 -16.99 -3.00
N SER A 930 -10.12 -15.85 -2.36
CA SER A 930 -11.08 -14.89 -1.76
C SER A 930 -12.01 -14.29 -2.81
N LEU A 931 -11.46 -13.86 -3.96
CA LEU A 931 -12.24 -13.28 -5.08
C LEU A 931 -13.13 -14.37 -5.71
N ASP A 932 -12.63 -15.60 -5.91
CA ASP A 932 -13.40 -16.73 -6.50
C ASP A 932 -14.53 -17.16 -5.54
N THR A 933 -14.25 -17.26 -4.22
CA THR A 933 -15.24 -17.49 -3.12
C THR A 933 -16.29 -16.37 -3.11
N SER A 934 -15.84 -15.11 -3.16
CA SER A 934 -16.70 -13.88 -3.20
C SER A 934 -17.65 -13.92 -4.41
N PHE A 935 -17.17 -14.34 -5.59
CA PHE A 935 -18.01 -14.58 -6.81
C PHE A 935 -19.13 -15.58 -6.48
N SER A 936 -18.80 -16.73 -5.87
CA SER A 936 -19.77 -17.83 -5.52
C SER A 936 -20.79 -17.34 -4.49
N VAL A 937 -20.35 -16.68 -3.41
CA VAL A 937 -21.23 -16.18 -2.30
C VAL A 937 -22.21 -15.12 -2.85
N PHE A 938 -21.75 -14.17 -3.70
CA PHE A 938 -22.63 -13.19 -4.39
C PHE A 938 -23.68 -13.95 -5.23
N LYS A 939 -23.25 -14.91 -6.05
CA LYS A 939 -24.15 -15.73 -6.92
C LYS A 939 -25.20 -16.44 -6.04
N TYR A 940 -24.79 -17.07 -4.94
CA TYR A 940 -25.71 -17.72 -3.95
C TYR A 940 -26.72 -16.69 -3.43
N MET A 941 -26.25 -15.55 -2.92
CA MET A 941 -27.10 -14.49 -2.29
C MET A 941 -28.08 -13.90 -3.32
N ALA A 942 -27.63 -13.68 -4.57
CA ALA A 942 -28.48 -13.28 -5.72
C ALA A 942 -29.55 -14.35 -5.97
N LEU A 943 -29.16 -15.62 -6.11
CA LEU A 943 -30.08 -16.76 -6.41
C LEU A 943 -31.09 -16.97 -5.26
N TYR A 944 -30.65 -16.92 -3.99
CA TYR A 944 -31.51 -17.09 -2.76
C TYR A 944 -32.60 -16.01 -2.74
N SER A 945 -32.24 -14.73 -2.94
CA SER A 945 -33.19 -13.58 -2.96
C SER A 945 -34.24 -13.77 -4.07
N LEU A 946 -33.79 -14.13 -5.28
CA LEU A 946 -34.70 -14.34 -6.46
C LEU A 946 -35.60 -15.59 -6.25
N THR A 947 -35.08 -16.72 -5.73
CA THR A 947 -35.91 -17.96 -5.53
C THR A 947 -36.95 -17.70 -4.42
N GLN A 948 -36.59 -16.95 -3.36
CA GLN A 948 -37.55 -16.43 -2.34
C GLN A 948 -38.55 -15.47 -3.00
N PHE A 949 -38.09 -14.55 -3.87
CA PHE A 949 -38.92 -13.56 -4.62
C PHE A 949 -39.98 -14.27 -5.47
N ILE A 950 -39.61 -15.34 -6.19
CA ILE A 950 -40.55 -16.21 -6.96
C ILE A 950 -41.57 -16.82 -5.99
N SER A 951 -41.13 -17.47 -4.90
CA SER A 951 -42.00 -18.19 -3.93
C SER A 951 -43.04 -17.23 -3.31
N VAL A 952 -42.59 -16.05 -2.83
CA VAL A 952 -43.48 -15.00 -2.21
C VAL A 952 -44.53 -14.59 -3.25
N LEU A 953 -44.13 -14.27 -4.50
CA LEU A 953 -45.06 -13.83 -5.58
C LEU A 953 -46.04 -14.96 -5.95
N ILE A 954 -45.55 -16.20 -6.13
CA ILE A 954 -46.37 -17.42 -6.45
C ILE A 954 -47.47 -17.58 -5.38
N LEU A 955 -47.15 -17.47 -4.08
CA LEU A 955 -48.17 -17.56 -3.00
C LEU A 955 -49.06 -16.31 -2.98
N TYR A 956 -48.50 -15.09 -3.14
CA TYR A 956 -49.25 -13.79 -3.17
C TYR A 956 -50.39 -13.84 -4.22
N THR A 957 -50.15 -14.42 -5.41
CA THR A 957 -51.18 -14.62 -6.49
C THR A 957 -52.45 -15.30 -5.94
N ILE A 958 -52.31 -16.24 -5.00
CA ILE A 958 -53.40 -17.12 -4.46
C ILE A 958 -53.92 -16.51 -3.12
N ASN A 959 -53.53 -15.28 -2.73
CA ASN A 959 -53.79 -14.65 -1.39
C ASN A 959 -53.22 -15.56 -0.28
N THR A 960 -51.97 -15.97 -0.42
CA THR A 960 -51.18 -16.76 0.59
C THR A 960 -49.78 -16.13 0.71
N ASN A 961 -49.03 -16.51 1.76
CA ASN A 961 -47.61 -16.15 1.96
C ASN A 961 -46.88 -17.31 2.66
N LEU A 962 -45.56 -17.40 2.47
CA LEU A 962 -44.62 -18.18 3.33
C LEU A 962 -44.88 -17.75 4.78
N GLY A 963 -45.25 -18.68 5.66
CA GLY A 963 -45.51 -18.46 7.10
C GLY A 963 -44.31 -17.87 7.84
N ASP A 964 -44.55 -17.07 8.88
CA ASP A 964 -43.49 -16.69 9.86
C ASP A 964 -42.99 -17.96 10.55
N LEU A 965 -41.68 -18.05 10.79
CA LEU A 965 -40.89 -19.28 11.16
C LEU A 965 -40.60 -20.16 9.93
N GLN A 966 -41.25 -20.01 8.76
CA GLN A 966 -40.86 -20.65 7.46
C GLN A 966 -39.79 -19.77 6.80
N PHE A 967 -40.08 -18.46 6.67
CA PHE A 967 -39.11 -17.38 6.30
C PHE A 967 -37.85 -17.46 7.17
N LEU A 968 -38.02 -17.62 8.50
CA LEU A 968 -36.91 -17.73 9.49
C LEU A 968 -36.04 -18.95 9.17
N ALA A 969 -36.63 -20.11 8.82
CA ALA A 969 -35.90 -21.35 8.41
C ALA A 969 -34.88 -21.01 7.30
N ILE A 970 -35.39 -20.39 6.23
CA ILE A 970 -34.61 -20.05 4.99
C ILE A 970 -33.61 -18.92 5.34
N ASP A 971 -34.10 -17.79 5.88
CA ASP A 971 -33.31 -16.54 6.08
C ASP A 971 -32.27 -16.72 7.19
N LEU A 972 -32.65 -17.27 8.36
CA LEU A 972 -31.73 -17.48 9.51
C LEU A 972 -30.91 -18.76 9.27
N VAL A 973 -31.52 -19.95 9.33
CA VAL A 973 -30.77 -21.23 9.58
C VAL A 973 -30.08 -21.63 8.26
N ILE A 974 -30.79 -21.69 7.13
CA ILE A 974 -30.24 -22.25 5.85
C ILE A 974 -29.16 -21.31 5.29
N THR A 975 -29.48 -20.04 5.00
CA THR A 975 -28.56 -19.09 4.30
C THR A 975 -27.27 -18.89 5.10
N THR A 976 -27.38 -18.60 6.41
CA THR A 976 -26.23 -18.41 7.35
C THR A 976 -25.34 -19.66 7.30
N THR A 977 -25.91 -20.87 7.43
CA THR A 977 -25.18 -22.16 7.47
C THR A 977 -24.39 -22.35 6.17
N VAL A 978 -25.04 -22.24 5.00
CA VAL A 978 -24.36 -22.44 3.69
C VAL A 978 -23.34 -21.31 3.44
N ALA A 979 -23.68 -20.04 3.72
CA ALA A 979 -22.80 -18.85 3.49
C ALA A 979 -21.51 -18.94 4.33
N VAL A 980 -21.61 -19.32 5.62
CA VAL A 980 -20.45 -19.48 6.55
C VAL A 980 -19.61 -20.71 6.16
N LEU A 981 -20.23 -21.83 5.74
CA LEU A 981 -19.55 -23.14 5.49
C LEU A 981 -19.00 -23.23 4.06
N MET A 982 -19.59 -22.54 3.06
CA MET A 982 -19.08 -22.52 1.64
C MET A 982 -17.83 -21.64 1.49
N SER A 983 -17.52 -20.76 2.45
CA SER A 983 -16.39 -19.80 2.42
C SER A 983 -15.16 -20.30 3.20
N ARG A 984 -15.15 -21.55 3.68
CA ARG A 984 -14.01 -22.16 4.43
C ARG A 984 -12.89 -22.64 3.48
N THR A 985 -13.14 -22.80 2.17
CA THR A 985 -12.23 -23.48 1.20
C THR A 985 -10.95 -22.66 1.06
N GLY A 986 -9.79 -23.23 1.42
CA GLY A 986 -8.47 -22.60 1.28
C GLY A 986 -7.99 -22.56 -0.17
N PRO A 987 -6.92 -21.78 -0.49
CA PRO A 987 -6.48 -21.61 -1.88
C PRO A 987 -5.85 -22.86 -2.53
N ALA A 988 -5.78 -22.84 -3.87
CA ALA A 988 -5.08 -23.85 -4.72
C ALA A 988 -3.58 -23.87 -4.37
N LEU A 989 -2.96 -25.05 -4.44
CA LEU A 989 -1.58 -25.33 -3.93
C LEU A 989 -0.54 -24.48 -4.68
N VAL A 990 -0.65 -24.40 -6.01
CA VAL A 990 0.34 -23.75 -6.94
C VAL A 990 -0.38 -22.67 -7.76
N LEU A 991 0.30 -21.54 -8.01
CA LEU A 991 -0.21 -20.40 -8.85
C LEU A 991 -0.25 -20.84 -10.33
N GLY A 992 -1.31 -20.49 -11.05
CA GLY A 992 -1.53 -20.74 -12.48
C GLY A 992 -1.61 -19.44 -13.29
N ARG A 993 -1.32 -19.54 -14.60
CA ARG A 993 -1.29 -18.39 -15.55
C ARG A 993 -2.67 -17.71 -15.62
N VAL A 994 -3.74 -18.51 -15.71
CA VAL A 994 -5.17 -18.03 -15.71
C VAL A 994 -5.45 -17.23 -14.42
N ARG A 995 -6.18 -16.12 -14.56
CA ARG A 995 -6.46 -15.10 -13.50
C ARG A 995 -7.95 -15.14 -13.18
N PRO A 996 -8.41 -14.96 -11.90
CA PRO A 996 -9.85 -14.92 -11.59
C PRO A 996 -10.52 -13.73 -12.27
N PRO A 997 -11.77 -13.86 -12.83
CA PRO A 997 -12.45 -12.72 -13.48
C PRO A 997 -12.75 -11.58 -12.50
N GLY A 998 -12.69 -10.33 -12.99
CA GLY A 998 -12.96 -9.08 -12.23
C GLY A 998 -14.38 -8.56 -12.39
N ALA A 999 -15.18 -9.09 -13.33
CA ALA A 999 -16.47 -8.52 -13.79
C ALA A 999 -17.64 -9.41 -13.30
N LEU A 1000 -18.42 -8.91 -12.35
CA LEU A 1000 -19.64 -9.57 -11.82
C LEU A 1000 -20.80 -9.37 -12.80
N LEU A 1001 -20.90 -8.19 -13.44
CA LEU A 1001 -21.94 -7.80 -14.43
C LEU A 1001 -21.40 -8.20 -15.83
N SER A 1002 -21.51 -9.48 -16.15
CA SER A 1002 -20.97 -10.11 -17.40
C SER A 1002 -21.82 -11.31 -17.87
N VAL A 1003 -21.89 -11.50 -19.20
CA VAL A 1003 -22.54 -12.62 -19.96
C VAL A 1003 -22.35 -13.98 -19.26
N PRO A 1004 -21.12 -14.47 -18.91
CA PRO A 1004 -20.95 -15.76 -18.21
C PRO A 1004 -21.73 -15.92 -16.89
N VAL A 1005 -21.66 -14.92 -15.99
CA VAL A 1005 -22.29 -14.98 -14.63
C VAL A 1005 -23.81 -14.78 -14.83
N LEU A 1006 -24.21 -13.71 -15.52
CA LEU A 1006 -25.65 -13.34 -15.75
C LEU A 1006 -26.40 -14.51 -16.42
N SER A 1007 -25.81 -15.15 -17.45
CA SER A 1007 -26.37 -16.34 -18.15
C SER A 1007 -26.64 -17.48 -17.13
N SER A 1008 -25.63 -17.82 -16.31
CA SER A 1008 -25.74 -18.85 -15.21
C SER A 1008 -26.95 -18.54 -14.33
N LEU A 1009 -27.06 -17.29 -13.85
CA LEU A 1009 -28.18 -16.82 -12.97
C LEU A 1009 -29.53 -16.93 -13.70
N LEU A 1010 -29.62 -16.40 -14.93
CA LEU A 1010 -30.87 -16.41 -15.76
C LEU A 1010 -31.36 -17.85 -15.97
N LEU A 1011 -30.47 -18.74 -16.44
CA LEU A 1011 -30.80 -20.16 -16.78
C LEU A 1011 -31.11 -20.96 -15.49
N GLN A 1012 -30.32 -20.79 -14.41
CA GLN A 1012 -30.58 -21.41 -13.09
C GLN A 1012 -31.99 -21.04 -12.60
N MET A 1013 -32.36 -19.75 -12.66
CA MET A 1013 -33.69 -19.24 -12.23
C MET A 1013 -34.82 -19.84 -13.08
N VAL A 1014 -34.64 -20.01 -14.40
CA VAL A 1014 -35.63 -20.66 -15.33
C VAL A 1014 -35.94 -22.08 -14.80
N LEU A 1015 -34.91 -22.88 -14.50
CA LEU A 1015 -35.04 -24.25 -13.91
C LEU A 1015 -35.78 -24.16 -12.56
N VAL A 1016 -35.39 -23.22 -11.70
CA VAL A 1016 -35.94 -23.01 -10.31
C VAL A 1016 -37.45 -22.67 -10.41
N THR A 1017 -37.81 -21.66 -11.21
CA THR A 1017 -39.22 -21.25 -11.49
C THR A 1017 -40.01 -22.43 -12.04
N GLY A 1018 -39.45 -23.15 -13.03
CA GLY A 1018 -39.99 -24.37 -13.66
C GLY A 1018 -40.51 -25.38 -12.64
N VAL A 1019 -39.63 -25.89 -11.78
CA VAL A 1019 -39.93 -26.91 -10.72
C VAL A 1019 -41.07 -26.41 -9.81
N GLN A 1020 -40.99 -25.16 -9.32
CA GLN A 1020 -41.98 -24.56 -8.39
C GLN A 1020 -43.37 -24.50 -9.06
N LEU A 1021 -43.45 -23.94 -10.28
CA LEU A 1021 -44.71 -23.83 -11.07
C LEU A 1021 -45.26 -25.23 -11.39
N GLY A 1022 -44.40 -26.15 -11.88
CA GLY A 1022 -44.71 -27.56 -12.17
C GLY A 1022 -45.32 -28.28 -10.98
N GLY A 1023 -44.64 -28.21 -9.83
CA GLY A 1023 -45.06 -28.78 -8.54
C GLY A 1023 -46.41 -28.25 -8.07
N TYR A 1024 -46.59 -26.91 -8.06
CA TYR A 1024 -47.84 -26.21 -7.70
C TYR A 1024 -49.01 -26.76 -8.52
N PHE A 1025 -48.86 -26.76 -9.86
CA PHE A 1025 -49.93 -27.22 -10.80
C PHE A 1025 -50.14 -28.73 -10.67
N LEU A 1026 -49.08 -29.54 -10.44
CA LEU A 1026 -49.18 -30.99 -10.14
C LEU A 1026 -50.02 -31.20 -8.86
N THR A 1027 -49.73 -30.43 -7.80
CA THR A 1027 -50.50 -30.42 -6.51
C THR A 1027 -51.97 -30.07 -6.78
N LEU A 1028 -52.24 -29.02 -7.56
CA LEU A 1028 -53.61 -28.64 -8.04
C LEU A 1028 -54.26 -29.82 -8.80
N ALA A 1029 -53.52 -30.49 -9.69
CA ALA A 1029 -54.00 -31.59 -10.56
C ALA A 1029 -54.47 -32.82 -9.74
N GLN A 1030 -53.78 -33.17 -8.64
CA GLN A 1030 -54.10 -34.39 -7.83
C GLN A 1030 -55.50 -34.30 -7.21
N PRO A 1031 -56.30 -35.41 -7.16
CA PRO A 1031 -57.70 -35.36 -6.72
C PRO A 1031 -57.90 -35.08 -5.22
N TRP A 1032 -57.00 -35.58 -4.35
CA TRP A 1032 -56.94 -35.29 -2.88
C TRP A 1032 -56.87 -33.79 -2.57
N PHE A 1033 -56.33 -32.95 -3.48
CA PHE A 1033 -56.18 -31.47 -3.33
C PHE A 1033 -57.53 -30.80 -2.99
N VAL A 1034 -57.53 -29.94 -1.98
CA VAL A 1034 -58.65 -29.01 -1.59
C VAL A 1034 -58.11 -27.59 -1.72
N PRO A 1035 -58.80 -26.62 -2.40
CA PRO A 1035 -58.30 -25.24 -2.45
C PRO A 1035 -58.31 -24.55 -1.07
N LEU A 1036 -57.57 -23.45 -0.97
CA LEU A 1036 -57.47 -22.66 0.29
C LEU A 1036 -58.70 -21.76 0.41
N ASN A 1037 -58.87 -21.17 1.59
CA ASN A 1037 -60.00 -20.25 1.92
C ASN A 1037 -60.04 -19.08 0.95
N ARG A 1038 -58.92 -18.38 0.77
CA ARG A 1038 -58.80 -17.14 -0.06
C ARG A 1038 -59.60 -15.97 0.54
N THR A 1039 -60.57 -16.19 1.44
CA THR A 1039 -61.32 -15.15 2.18
C THR A 1039 -60.37 -14.52 3.21
N VAL A 1040 -60.09 -15.25 4.31
CA VAL A 1040 -59.13 -14.84 5.38
C VAL A 1040 -57.73 -14.65 4.78
N ALA A 1041 -56.89 -13.86 5.44
CA ALA A 1041 -55.60 -13.33 4.90
C ALA A 1041 -54.46 -14.36 4.99
N ALA A 1042 -53.34 -14.02 4.34
CA ALA A 1042 -52.05 -14.76 4.24
C ALA A 1042 -51.58 -15.31 5.59
N PRO A 1043 -51.44 -14.49 6.68
CA PRO A 1043 -51.16 -15.04 8.02
C PRO A 1043 -52.27 -15.96 8.58
N ASP A 1044 -53.55 -15.64 8.32
CA ASP A 1044 -54.73 -16.27 8.96
C ASP A 1044 -54.87 -17.73 8.51
N ASN A 1045 -54.69 -18.02 7.21
CA ASN A 1045 -54.64 -19.40 6.63
C ASN A 1045 -53.26 -20.02 6.96
N LEU A 1046 -53.06 -20.45 8.22
CA LEU A 1046 -51.75 -21.01 8.71
C LEU A 1046 -51.42 -22.30 7.93
N PRO A 1047 -52.17 -23.44 8.03
CA PRO A 1047 -51.84 -24.67 7.28
C PRO A 1047 -52.59 -24.79 5.93
N ASN A 1048 -51.86 -24.88 4.81
CA ASN A 1048 -52.40 -24.95 3.43
C ASN A 1048 -51.47 -25.77 2.53
N TYR A 1049 -52.04 -26.66 1.69
CA TYR A 1049 -51.30 -27.56 0.74
C TYR A 1049 -50.37 -26.77 -0.18
N GLU A 1050 -50.81 -25.60 -0.69
CA GLU A 1050 -50.12 -24.80 -1.73
C GLU A 1050 -48.82 -24.24 -1.12
N ASN A 1051 -48.93 -23.62 0.07
CA ASN A 1051 -47.79 -23.18 0.93
C ASN A 1051 -46.87 -24.38 1.21
N THR A 1052 -47.43 -25.51 1.66
CA THR A 1052 -46.66 -26.74 2.03
C THR A 1052 -45.82 -27.21 0.83
N VAL A 1053 -46.42 -27.39 -0.35
CA VAL A 1053 -45.71 -27.89 -1.57
C VAL A 1053 -44.66 -26.87 -2.03
N VAL A 1054 -45.01 -25.57 -2.10
CA VAL A 1054 -44.08 -24.47 -2.54
C VAL A 1054 -42.88 -24.44 -1.57
N PHE A 1055 -43.13 -24.33 -0.26
CA PHE A 1055 -42.09 -24.31 0.81
C PHE A 1055 -41.21 -25.57 0.73
N SER A 1056 -41.82 -26.76 0.62
CA SER A 1056 -41.14 -28.08 0.62
C SER A 1056 -40.19 -28.18 -0.57
N LEU A 1057 -40.64 -27.87 -1.78
CA LEU A 1057 -39.80 -27.81 -3.01
C LEU A 1057 -38.73 -26.71 -2.86
N SER A 1058 -39.14 -25.49 -2.47
CA SER A 1058 -38.27 -24.28 -2.37
C SER A 1058 -37.08 -24.55 -1.43
N SER A 1059 -37.34 -25.10 -0.24
CA SER A 1059 -36.32 -25.42 0.82
C SER A 1059 -35.12 -26.16 0.23
N PHE A 1060 -35.34 -27.24 -0.55
CA PHE A 1060 -34.27 -28.05 -1.19
C PHE A 1060 -33.45 -27.19 -2.19
N GLN A 1061 -34.10 -26.30 -2.96
CA GLN A 1061 -33.45 -25.44 -3.99
C GLN A 1061 -32.35 -24.58 -3.35
N TYR A 1062 -32.59 -23.98 -2.17
CA TYR A 1062 -31.60 -23.11 -1.47
C TYR A 1062 -30.33 -23.93 -1.18
N LEU A 1063 -30.48 -25.18 -0.73
CA LEU A 1063 -29.35 -26.13 -0.50
C LEU A 1063 -28.68 -26.51 -1.84
N ILE A 1064 -29.47 -26.82 -2.89
CA ILE A 1064 -29.01 -27.21 -4.26
C ILE A 1064 -28.14 -26.10 -4.86
N LEU A 1065 -28.68 -24.88 -4.93
CA LEU A 1065 -28.03 -23.67 -5.55
C LEU A 1065 -26.66 -23.43 -4.90
N ALA A 1066 -26.60 -23.46 -3.56
CA ALA A 1066 -25.36 -23.30 -2.73
C ALA A 1066 -24.25 -24.24 -3.22
N ALA A 1067 -24.56 -25.54 -3.38
CA ALA A 1067 -23.62 -26.60 -3.84
C ALA A 1067 -23.17 -26.32 -5.28
N ALA A 1068 -24.13 -26.03 -6.16
CA ALA A 1068 -23.92 -25.81 -7.63
C ALA A 1068 -22.92 -24.68 -7.90
N VAL A 1069 -23.05 -23.54 -7.20
CA VAL A 1069 -22.27 -22.29 -7.48
C VAL A 1069 -20.80 -22.40 -7.04
N SER A 1070 -20.40 -23.35 -6.17
CA SER A 1070 -19.01 -23.51 -5.66
C SER A 1070 -18.12 -24.16 -6.73
N LYS A 1071 -17.27 -23.39 -7.42
CA LYS A 1071 -16.46 -23.87 -8.58
C LYS A 1071 -15.29 -24.72 -8.08
N GLY A 1072 -14.54 -24.23 -7.08
CA GLY A 1072 -13.47 -24.97 -6.39
C GLY A 1072 -12.14 -24.95 -7.15
N ALA A 1073 -11.99 -25.85 -8.13
CA ALA A 1073 -10.73 -26.47 -8.64
C ALA A 1073 -9.61 -25.48 -9.06
N PRO A 1074 -9.81 -24.48 -9.95
CA PRO A 1074 -8.69 -23.69 -10.50
C PRO A 1074 -7.97 -22.78 -9.49
N PHE A 1075 -8.69 -22.10 -8.60
CA PHE A 1075 -8.18 -21.14 -7.59
C PHE A 1075 -8.31 -21.64 -6.13
N ARG A 1076 -9.23 -22.57 -5.82
CA ARG A 1076 -9.49 -23.10 -4.45
C ARG A 1076 -9.24 -24.61 -4.44
N ARG A 1077 -9.18 -25.21 -3.24
CA ARG A 1077 -9.09 -26.69 -3.06
C ARG A 1077 -10.41 -27.34 -3.53
N PRO A 1078 -10.43 -28.62 -3.99
CA PRO A 1078 -11.67 -29.27 -4.45
C PRO A 1078 -12.81 -29.35 -3.41
N LEU A 1079 -14.06 -29.21 -3.86
CA LEU A 1079 -15.29 -29.08 -3.01
C LEU A 1079 -15.38 -30.27 -2.04
N TYR A 1080 -15.10 -31.50 -2.50
CA TYR A 1080 -15.04 -32.75 -1.70
C TYR A 1080 -14.10 -32.62 -0.48
N THR A 1081 -13.00 -31.86 -0.58
CA THR A 1081 -12.09 -31.53 0.55
C THR A 1081 -12.82 -30.76 1.66
N ASN A 1082 -13.83 -29.93 1.34
CA ASN A 1082 -14.66 -29.15 2.31
C ASN A 1082 -15.76 -30.07 2.89
N VAL A 1083 -15.34 -31.02 3.73
CA VAL A 1083 -16.18 -32.06 4.41
C VAL A 1083 -17.27 -31.36 5.26
N PRO A 1084 -16.95 -30.36 6.13
CA PRO A 1084 -17.98 -29.61 6.88
C PRO A 1084 -19.17 -29.11 6.06
N PHE A 1085 -18.91 -28.54 4.88
CA PHE A 1085 -19.95 -27.98 3.97
C PHE A 1085 -20.84 -29.12 3.45
N LEU A 1086 -20.24 -30.24 3.04
CA LEU A 1086 -20.97 -31.45 2.56
C LEU A 1086 -21.81 -32.04 3.71
N VAL A 1087 -21.23 -32.16 4.91
CA VAL A 1087 -21.92 -32.59 6.17
C VAL A 1087 -23.11 -31.65 6.45
N ALA A 1088 -22.89 -30.33 6.43
CA ALA A 1088 -23.90 -29.26 6.69
C ALA A 1088 -25.08 -29.43 5.73
N LEU A 1089 -24.80 -29.52 4.42
CA LEU A 1089 -25.81 -29.80 3.37
C LEU A 1089 -26.51 -31.15 3.64
N ALA A 1090 -25.75 -32.21 3.98
CA ALA A 1090 -26.29 -33.58 4.24
C ALA A 1090 -27.28 -33.57 5.42
N LEU A 1091 -26.88 -32.99 6.56
CA LEU A 1091 -27.71 -32.91 7.80
C LEU A 1091 -28.94 -32.02 7.55
N LEU A 1092 -28.77 -30.84 6.93
CA LEU A 1092 -29.91 -29.93 6.55
C LEU A 1092 -30.84 -30.66 5.56
N SER A 1093 -30.30 -31.38 4.57
CA SER A 1093 -31.07 -32.20 3.58
C SER A 1093 -31.91 -33.27 4.30
N SER A 1094 -31.31 -33.98 5.27
CA SER A 1094 -31.98 -35.02 6.11
C SER A 1094 -33.19 -34.42 6.85
N VAL A 1095 -33.02 -33.28 7.52
CA VAL A 1095 -34.10 -32.54 8.26
C VAL A 1095 -35.26 -32.25 7.30
N LEU A 1096 -34.98 -31.66 6.14
CA LEU A 1096 -35.97 -31.35 5.07
C LEU A 1096 -36.66 -32.64 4.58
N VAL A 1097 -35.88 -33.69 4.25
CA VAL A 1097 -36.41 -34.98 3.67
C VAL A 1097 -37.34 -35.63 4.72
N GLY A 1098 -36.93 -35.67 5.99
CA GLY A 1098 -37.75 -36.07 7.16
C GLY A 1098 -39.05 -35.28 7.24
N LEU A 1099 -38.96 -33.94 7.12
CA LEU A 1099 -40.10 -32.98 7.25
C LEU A 1099 -41.17 -33.30 6.18
N VAL A 1100 -40.76 -33.58 4.93
CA VAL A 1100 -41.69 -34.03 3.84
C VAL A 1100 -42.14 -35.49 4.11
N LEU A 1101 -41.23 -36.44 4.33
CA LEU A 1101 -41.54 -37.92 4.33
C LEU A 1101 -42.42 -38.31 5.53
N VAL A 1102 -42.02 -38.00 6.78
CA VAL A 1102 -42.74 -38.44 8.02
C VAL A 1102 -43.60 -37.28 8.56
N PRO A 1103 -44.89 -37.50 8.92
CA PRO A 1103 -45.65 -36.52 9.73
C PRO A 1103 -44.96 -36.36 11.09
N GLY A 1104 -44.48 -35.15 11.39
CA GLY A 1104 -43.66 -34.80 12.58
C GLY A 1104 -44.26 -33.66 13.37
N LEU A 1105 -43.95 -33.59 14.68
CA LEU A 1105 -44.33 -32.47 15.60
C LEU A 1105 -43.99 -31.10 14.96
N LEU A 1106 -42.80 -30.97 14.37
CA LEU A 1106 -42.22 -29.74 13.72
C LEU A 1106 -43.17 -29.14 12.66
N GLN A 1107 -43.98 -29.97 11.96
CA GLN A 1107 -45.06 -29.52 11.01
C GLN A 1107 -45.97 -28.47 11.66
N GLY A 1108 -46.28 -28.61 12.96
CA GLY A 1108 -47.06 -27.64 13.77
C GLY A 1108 -46.38 -26.27 13.88
N PRO A 1109 -45.16 -26.16 14.47
CA PRO A 1109 -44.34 -24.94 14.41
C PRO A 1109 -44.06 -24.32 13.04
N LEU A 1110 -43.71 -25.13 12.02
CA LEU A 1110 -43.43 -24.68 10.63
C LEU A 1110 -44.71 -24.51 9.79
N ALA A 1111 -45.90 -24.85 10.31
CA ALA A 1111 -47.24 -24.58 9.71
C ALA A 1111 -47.38 -25.33 8.37
N LEU A 1112 -47.03 -26.63 8.35
CA LEU A 1112 -47.06 -27.53 7.16
C LEU A 1112 -48.13 -28.61 7.33
N ARG A 1113 -48.89 -28.89 6.26
CA ARG A 1113 -50.00 -29.89 6.18
C ARG A 1113 -49.41 -31.17 5.57
N ASN A 1114 -49.43 -32.30 6.30
CA ASN A 1114 -48.99 -33.64 5.81
C ASN A 1114 -49.83 -34.10 4.60
N ILE A 1115 -49.22 -34.87 3.69
CA ILE A 1115 -49.83 -35.41 2.44
C ILE A 1115 -50.01 -36.93 2.61
N THR A 1116 -51.22 -37.44 2.40
CA THR A 1116 -51.61 -38.88 2.54
C THR A 1116 -50.90 -39.72 1.47
N ASP A 1117 -50.90 -39.26 0.20
CA ASP A 1117 -50.36 -40.01 -0.97
C ASP A 1117 -48.82 -39.93 -0.93
N THR A 1118 -48.18 -41.01 -0.45
CA THR A 1118 -46.70 -41.25 -0.45
C THR A 1118 -46.14 -41.11 -1.88
N GLY A 1119 -46.85 -41.64 -2.89
CA GLY A 1119 -46.55 -41.50 -4.33
C GLY A 1119 -46.28 -40.06 -4.74
N PHE A 1120 -47.20 -39.15 -4.41
CA PHE A 1120 -47.12 -37.69 -4.71
C PHE A 1120 -45.88 -37.11 -4.03
N LYS A 1121 -45.65 -37.43 -2.75
CA LYS A 1121 -44.47 -36.98 -1.96
C LYS A 1121 -43.18 -37.47 -2.63
N LEU A 1122 -43.14 -38.74 -3.09
CA LEU A 1122 -41.99 -39.34 -3.84
C LEU A 1122 -41.80 -38.59 -5.19
N LEU A 1123 -42.89 -38.27 -5.91
CA LEU A 1123 -42.86 -37.40 -7.13
C LEU A 1123 -42.34 -35.98 -6.77
N LEU A 1124 -42.75 -35.43 -5.62
CA LEU A 1124 -42.32 -34.08 -5.12
C LEU A 1124 -40.80 -34.10 -4.87
N LEU A 1125 -40.28 -35.16 -4.21
CA LEU A 1125 -38.81 -35.45 -4.10
C LEU A 1125 -38.20 -35.66 -5.49
N GLY A 1126 -38.90 -36.36 -6.41
CA GLY A 1126 -38.55 -36.52 -7.83
C GLY A 1126 -38.19 -35.19 -8.50
N LEU A 1127 -39.09 -34.20 -8.37
CA LEU A 1127 -38.89 -32.80 -8.84
C LEU A 1127 -37.60 -32.21 -8.22
N VAL A 1128 -37.33 -32.44 -6.94
CA VAL A 1128 -36.09 -31.98 -6.22
C VAL A 1128 -34.87 -32.60 -6.92
N THR A 1129 -34.84 -33.93 -7.12
CA THR A 1129 -33.67 -34.66 -7.69
C THR A 1129 -33.47 -34.26 -9.16
N LEU A 1130 -34.56 -34.00 -9.92
CA LEU A 1130 -34.51 -33.41 -11.29
C LEU A 1130 -33.74 -32.08 -11.25
N ASN A 1131 -34.14 -31.14 -10.38
CA ASN A 1131 -33.54 -29.78 -10.29
C ASN A 1131 -32.11 -29.88 -9.73
N PHE A 1132 -31.83 -30.81 -8.79
CA PHE A 1132 -30.46 -31.11 -8.27
C PHE A 1132 -29.54 -31.45 -9.45
N VAL A 1133 -29.86 -32.53 -10.18
CA VAL A 1133 -29.07 -33.03 -11.35
C VAL A 1133 -29.01 -31.90 -12.40
N GLY A 1134 -30.17 -31.32 -12.73
CA GLY A 1134 -30.38 -30.20 -13.67
C GLY A 1134 -29.44 -29.02 -13.41
N ALA A 1135 -29.48 -28.45 -12.19
CA ALA A 1135 -28.70 -27.26 -11.76
C ALA A 1135 -27.20 -27.52 -11.98
N PHE A 1136 -26.68 -28.64 -11.42
CA PHE A 1136 -25.27 -29.11 -11.54
C PHE A 1136 -24.86 -29.24 -13.02
N MET A 1137 -25.69 -29.91 -13.85
CA MET A 1137 -25.43 -30.09 -15.32
C MET A 1137 -25.44 -28.72 -16.02
N LEU A 1138 -26.51 -27.93 -15.82
CA LEU A 1138 -26.73 -26.57 -16.41
C LEU A 1138 -25.51 -25.68 -16.13
N GLU A 1139 -25.08 -25.60 -14.85
CA GLU A 1139 -23.87 -24.83 -14.42
C GLU A 1139 -22.60 -25.40 -15.11
N SER A 1140 -22.44 -26.73 -15.14
CA SER A 1140 -21.24 -27.43 -15.71
C SER A 1140 -21.11 -27.15 -17.22
N VAL A 1141 -22.19 -27.36 -17.98
CA VAL A 1141 -22.25 -27.18 -19.48
C VAL A 1141 -21.93 -25.71 -19.81
N LEU A 1142 -22.59 -24.74 -19.15
CA LEU A 1142 -22.32 -23.29 -19.31
C LEU A 1142 -20.83 -23.00 -19.02
N ASP A 1143 -20.30 -23.49 -17.89
CA ASP A 1143 -18.87 -23.35 -17.48
C ASP A 1143 -17.94 -23.87 -18.59
N GLN A 1144 -18.20 -25.07 -19.14
CA GLN A 1144 -17.36 -25.73 -20.18
C GLN A 1144 -17.38 -24.95 -21.50
N CYS A 1145 -18.56 -24.67 -22.07
CA CYS A 1145 -18.76 -24.26 -23.50
C CYS A 1145 -18.72 -22.75 -23.72
N LEU A 1146 -19.23 -21.91 -22.78
CA LEU A 1146 -19.36 -20.43 -22.93
C LEU A 1146 -18.04 -19.75 -23.39
N PRO A 1147 -16.84 -20.05 -22.82
CA PRO A 1147 -15.59 -19.49 -23.33
C PRO A 1147 -15.31 -19.79 -24.82
N ALA A 1148 -15.51 -21.05 -25.25
CA ALA A 1148 -15.40 -21.49 -26.66
C ALA A 1148 -16.42 -20.72 -27.52
N CYS A 1149 -17.68 -20.67 -27.07
CA CYS A 1149 -18.81 -19.90 -27.68
C CYS A 1149 -18.43 -18.42 -27.86
N LEU A 1150 -17.84 -17.78 -26.83
CA LEU A 1150 -17.31 -16.38 -26.88
C LEU A 1150 -16.38 -16.21 -28.11
N ARG A 1151 -15.40 -17.10 -28.32
CA ARG A 1151 -14.41 -16.99 -29.43
C ARG A 1151 -15.12 -17.16 -30.78
N ARG A 1152 -16.00 -18.17 -30.91
CA ARG A 1152 -16.88 -18.39 -32.10
C ARG A 1152 -17.68 -17.11 -32.41
N LEU A 1153 -18.36 -16.54 -31.40
CA LEU A 1153 -19.24 -15.34 -31.57
C LEU A 1153 -18.40 -14.10 -31.96
N ARG A 1154 -17.30 -13.83 -31.25
CA ARG A 1154 -16.43 -12.64 -31.49
C ARG A 1154 -14.95 -13.04 -31.51
N PRO A 1155 -14.38 -13.51 -32.66
CA PRO A 1155 -12.97 -13.92 -32.73
C PRO A 1155 -11.96 -12.76 -32.61
N LYS A 1156 -12.26 -11.60 -33.22
CA LYS A 1156 -11.40 -10.37 -33.21
C LYS A 1156 -11.54 -9.53 -31.92
N ARG A 1157 -12.34 -9.94 -30.91
CA ARG A 1157 -12.60 -9.16 -29.65
C ARG A 1157 -11.27 -8.82 -28.96
N ALA A 1158 -11.05 -7.52 -28.67
CA ALA A 1158 -9.80 -6.92 -28.17
C ALA A 1158 -10.05 -6.23 -26.81
N SER A 1159 -9.07 -6.32 -25.90
CA SER A 1159 -9.17 -5.83 -24.49
C SER A 1159 -9.30 -4.30 -24.45
N LYS A 1160 -10.13 -3.79 -23.54
CA LYS A 1160 -10.32 -2.32 -23.26
C LYS A 1160 -9.22 -1.74 -22.36
N LYS A 1161 -8.41 -2.56 -21.65
CA LYS A 1161 -7.42 -2.13 -20.62
C LYS A 1161 -6.26 -1.42 -21.33
N ARG A 1162 -5.86 -0.24 -20.85
CA ARG A 1162 -4.98 0.71 -21.62
C ARG A 1162 -3.59 0.05 -21.81
N PHE A 1163 -3.05 -0.57 -20.75
CA PHE A 1163 -1.76 -1.33 -20.77
C PHE A 1163 -1.78 -2.38 -21.91
N LYS A 1164 -2.88 -3.15 -22.04
CA LYS A 1164 -3.04 -4.19 -23.12
C LYS A 1164 -2.91 -3.53 -24.50
N GLN A 1165 -3.61 -2.41 -24.73
CA GLN A 1165 -3.60 -1.63 -26.01
C GLN A 1165 -2.18 -1.13 -26.30
N LEU A 1166 -1.50 -0.52 -25.31
CA LEU A 1166 -0.13 0.06 -25.45
C LEU A 1166 0.90 -1.04 -25.74
N GLU A 1167 0.79 -2.21 -25.09
CA GLU A 1167 1.63 -3.43 -25.37
C GLU A 1167 1.42 -3.87 -26.84
N ARG A 1168 0.18 -3.82 -27.35
CA ARG A 1168 -0.13 -4.13 -28.79
C ARG A 1168 0.56 -3.12 -29.71
N GLU A 1169 0.36 -1.82 -29.49
CA GLU A 1169 0.98 -0.72 -30.29
C GLU A 1169 2.49 -0.96 -30.38
N LEU A 1170 3.13 -1.13 -29.21
CA LEU A 1170 4.57 -1.51 -29.08
C LEU A 1170 4.91 -2.76 -29.91
N ALA A 1171 4.04 -3.79 -29.88
CA ALA A 1171 4.21 -5.00 -30.73
C ALA A 1171 4.31 -4.59 -32.21
N GLU A 1172 3.45 -3.68 -32.69
CA GLU A 1172 3.41 -3.22 -34.11
C GLU A 1172 4.71 -2.46 -34.43
N GLN A 1173 5.08 -1.46 -33.63
CA GLN A 1173 6.29 -0.60 -33.83
C GLN A 1173 6.93 -0.32 -32.46
N PRO A 1174 8.23 -0.67 -32.19
CA PRO A 1174 8.83 -0.47 -30.87
C PRO A 1174 9.42 0.93 -30.63
N TRP A 1175 8.78 1.74 -29.76
CA TRP A 1175 9.27 3.01 -29.13
C TRP A 1175 10.67 2.77 -28.55
N PRO A 1176 11.69 3.68 -28.68
CA PRO A 1176 13.11 3.37 -28.54
C PRO A 1176 13.64 1.99 -28.97
N PRO A 1177 13.71 1.74 -30.30
CA PRO A 1177 14.28 0.52 -30.87
C PRO A 1177 15.81 0.62 -31.09
#